data_2E3X
#
_entry.id   2E3X
#
_cell.length_a   70.350
_cell.length_b   91.730
_cell.length_c   152.930
_cell.angle_alpha   90.00
_cell.angle_beta   90.00
_cell.angle_gamma   90.00
#
_symmetry.space_group_name_H-M   'P 21 21 21'
#
loop_
_entity.id
_entity.type
_entity.pdbx_description
1 polymer 'Coagulation factor X-activating enzyme heavy chain'
2 polymer 'Coagulation factor X-activating enzyme light chain 2'
3 polymer 'Coagulation factor X-activating enzyme light chain 1'
4 branched 2-acetamido-2-deoxy-beta-D-glucopyranose-(1-4)-2-acetamido-2-deoxy-beta-D-glucopyranose
5 branched alpha-D-mannopyranose-(1-6)-alpha-D-mannopyranose-(1-4)-2-acetamido-2-deoxy-beta-D-glucopyranose-(1-4)-2-acetamido-2-deoxy-beta-D-glucopyranose
6 non-polymer 2-acetamido-2-deoxy-beta-D-glucopyranose
7 non-polymer 'ZINC ION'
8 non-polymer 'CALCIUM ION'
9 non-polymer 3-(N-HYDROXYCARBOXAMIDO)-2-ISOBUTYLPROPANOYL-TRP-METHYLAMIDE
#
loop_
_entity_poly.entity_id
_entity_poly.type
_entity_poly.pdbx_seq_one_letter_code
_entity_poly.pdbx_strand_id
1 'polypeptide(L)'
;LVSTSAQFNKIFIELVIIVDHSMAKKCNSTATNTKIYEIVNSANEIFNPLNIHVTLIGVEFWCDRDLINVTSSADETLNS
FGEWRASDLMTRKSHDNALLFTDMRFDLNTLGITFLAGMCQAYRSVGIVQEQGNRNFKTAVIMAHELSHNLGMYHDGKNC
ICNDSSCVMSPVLSDQPSKLFSNCSIHDYQRYLTRYKPKCIFNPPLRKDIVSPPVCGNEIWEEGEECDCGSPANCQNPCC
DAATCKLKPGAECGNGLCCYQCKIKTAGTVCRRARDECDVPEHCTGQSAECPRDQLQQNGKPCQNNRGYCYNGDCPIMRN
QCISLFGSRANVAKDSCFQENLKGSYYGYCRKENGRKIPCAPQDVKCGRLFCLNNSPRNKNPCNMHYSCMDQHKGMVDPG
TKCEDGKVCNNKRQCVDVNTAYQSTTG
;
A
2 'polypeptide(L)'
;LDCPPDSSLYRYFCYRVFKEHKTWEAAERFCMEHPNNGHLVSIESMEEAEFVAKLLSNTTGKFITHFWIGLMIKDKEQEC
SSEWSDGSSVSYDKLGKQEFRKCFVLEKESGYRMWFNRNCEERYLFVCKVPPEC
;
B
3 'polypeptide(L)'
;LDCPSGWLSYEQHCYKGFNDLKNWTDAEKFCTEQKKGSHLVSLHSREEEKFVVNLISENLEYPATWIGLGNMWKDCRMEW
SDRGNVKYKALAEESYCLIMITHEKVWKSMTCNFIAPVVCKF
;
C
#
# COMPACT_ATOMS: atom_id res chain seq x y z
N GLN A 7 -40.32 0.69 3.75
CA GLN A 7 -39.35 0.69 4.88
C GLN A 7 -38.09 -0.10 4.52
N PHE A 8 -37.19 -0.27 5.48
CA PHE A 8 -35.96 -1.01 5.25
C PHE A 8 -35.96 -2.32 6.03
N ASN A 9 -35.13 -3.25 5.57
CA ASN A 9 -35.00 -4.55 6.22
C ASN A 9 -34.26 -4.35 7.52
N LYS A 10 -34.61 -5.12 8.55
CA LYS A 10 -33.92 -5.01 9.82
C LYS A 10 -32.44 -5.31 9.63
N ILE A 11 -31.59 -4.40 10.09
CA ILE A 11 -30.16 -4.57 9.97
C ILE A 11 -29.52 -4.49 11.35
N PHE A 12 -28.52 -5.34 11.60
CA PHE A 12 -27.85 -5.34 12.89
C PHE A 12 -26.35 -5.18 12.74
N ILE A 13 -25.79 -4.22 13.46
CA ILE A 13 -24.37 -3.96 13.42
C ILE A 13 -23.69 -4.43 14.70
N GLU A 14 -22.93 -5.52 14.61
CA GLU A 14 -22.23 -6.03 15.78
C GLU A 14 -21.05 -5.08 15.98
N LEU A 15 -21.21 -4.18 16.94
CA LEU A 15 -20.20 -3.17 17.23
C LEU A 15 -19.31 -3.43 18.43
N VAL A 16 -18.05 -3.05 18.28
CA VAL A 16 -17.05 -3.16 19.34
C VAL A 16 -16.48 -1.75 19.45
N ILE A 17 -16.49 -1.18 20.65
CA ILE A 17 -15.97 0.16 20.86
C ILE A 17 -14.60 0.13 21.50
N ILE A 18 -13.74 1.04 21.09
CA ILE A 18 -12.41 1.11 21.67
C ILE A 18 -12.21 2.47 22.31
N VAL A 19 -11.84 2.46 23.59
CA VAL A 19 -11.61 3.69 24.34
C VAL A 19 -10.10 3.87 24.45
N ASP A 20 -9.56 4.85 23.72
CA ASP A 20 -8.11 5.07 23.73
C ASP A 20 -7.60 5.65 25.04
N HIS A 21 -6.27 5.63 25.18
CA HIS A 21 -5.59 6.14 26.36
C HIS A 21 -6.15 7.47 26.86
N SER A 22 -6.50 8.35 25.92
CA SER A 22 -7.04 9.66 26.29
C SER A 22 -8.20 9.44 27.26
N MET A 23 -9.22 8.72 26.80
CA MET A 23 -10.40 8.42 27.62
C MET A 23 -10.12 7.34 28.67
N ALA A 24 -9.03 6.61 28.48
CA ALA A 24 -8.65 5.55 29.40
C ALA A 24 -7.79 6.08 30.55
N LYS A 25 -7.58 7.40 30.56
CA LYS A 25 -6.78 8.03 31.61
C LYS A 25 -7.27 7.47 32.93
N LYS A 26 -8.51 7.79 33.29
CA LYS A 26 -9.12 7.30 34.50
C LYS A 26 -9.62 5.90 34.13
N CYS A 27 -8.66 5.01 33.84
CA CYS A 27 -8.95 3.63 33.43
C CYS A 27 -10.19 3.01 34.07
N ASN A 28 -10.59 3.55 35.23
CA ASN A 28 -11.77 3.04 35.90
C ASN A 28 -12.95 3.02 34.92
N SER A 29 -13.46 1.83 34.66
CA SER A 29 -14.58 1.66 33.74
C SER A 29 -15.85 2.32 34.28
N THR A 30 -16.79 1.48 34.70
CA THR A 30 -18.09 1.90 35.25
C THR A 30 -18.69 3.20 34.71
N ALA A 31 -18.09 4.33 35.06
CA ALA A 31 -18.57 5.63 34.59
C ALA A 31 -18.59 5.70 33.07
N THR A 32 -17.48 5.31 32.44
CA THR A 32 -17.34 5.33 30.99
C THR A 32 -18.45 4.52 30.30
N ASN A 33 -18.51 3.23 30.64
CA ASN A 33 -19.50 2.33 30.08
C ASN A 33 -20.90 2.93 30.16
N THR A 34 -21.24 3.51 31.30
CA THR A 34 -22.55 4.12 31.47
C THR A 34 -22.75 5.18 30.40
N LYS A 35 -21.71 5.97 30.16
CA LYS A 35 -21.78 7.01 29.14
C LYS A 35 -21.91 6.34 27.77
N ILE A 36 -21.13 5.28 27.56
CA ILE A 36 -21.15 4.55 26.31
C ILE A 36 -22.53 3.96 26.03
N TYR A 37 -23.03 3.18 26.97
CA TYR A 37 -24.35 2.54 26.85
C TYR A 37 -25.42 3.56 26.45
N GLU A 38 -25.37 4.73 27.08
CA GLU A 38 -26.35 5.77 26.78
C GLU A 38 -26.15 6.37 25.39
N ILE A 39 -24.90 6.47 24.95
CA ILE A 39 -24.64 7.01 23.62
C ILE A 39 -25.18 6.05 22.59
N VAL A 40 -24.85 4.77 22.77
CA VAL A 40 -25.29 3.71 21.88
C VAL A 40 -26.81 3.68 21.78
N ASN A 41 -27.47 3.55 22.92
CA ASN A 41 -28.92 3.52 22.96
C ASN A 41 -29.48 4.73 22.22
N SER A 42 -28.86 5.88 22.45
CA SER A 42 -29.29 7.11 21.80
C SER A 42 -29.13 6.97 20.29
N ALA A 43 -28.04 6.33 19.88
CA ALA A 43 -27.76 6.12 18.46
C ALA A 43 -28.88 5.30 17.81
N ASN A 44 -29.29 4.23 18.48
CA ASN A 44 -30.35 3.36 17.98
C ASN A 44 -31.67 4.13 17.85
N GLU A 45 -31.88 5.07 18.77
CA GLU A 45 -33.09 5.88 18.74
C GLU A 45 -33.08 6.73 17.47
N ILE A 46 -31.87 7.06 17.01
CA ILE A 46 -31.71 7.87 15.80
C ILE A 46 -31.89 6.99 14.57
N PHE A 47 -31.31 5.79 14.62
CA PHE A 47 -31.37 4.82 13.52
C PHE A 47 -32.69 4.07 13.37
N ASN A 48 -33.60 4.24 14.32
CA ASN A 48 -34.89 3.56 14.28
C ASN A 48 -35.64 3.65 12.94
N PRO A 49 -35.87 4.87 12.44
CA PRO A 49 -36.58 5.06 11.17
C PRO A 49 -35.92 4.41 9.95
N LEU A 50 -34.78 3.79 10.15
CA LEU A 50 -34.08 3.14 9.05
C LEU A 50 -33.91 1.65 9.32
N ASN A 51 -34.48 1.20 10.43
CA ASN A 51 -34.43 -0.20 10.83
C ASN A 51 -33.00 -0.67 11.08
N ILE A 52 -32.13 0.25 11.44
CA ILE A 52 -30.74 -0.08 11.73
C ILE A 52 -30.56 -0.21 13.24
N HIS A 53 -30.01 -1.33 13.67
CA HIS A 53 -29.81 -1.55 15.09
C HIS A 53 -28.35 -1.87 15.37
N VAL A 54 -27.72 -1.04 16.19
CA VAL A 54 -26.34 -1.29 16.55
C VAL A 54 -26.33 -2.02 17.89
N THR A 55 -25.79 -3.23 17.87
CA THR A 55 -25.72 -4.05 19.06
C THR A 55 -24.28 -4.15 19.54
N LEU A 56 -24.03 -3.56 20.69
CA LEU A 56 -22.68 -3.55 21.28
C LEU A 56 -22.33 -4.92 21.84
N ILE A 57 -21.46 -5.64 21.14
CA ILE A 57 -21.05 -6.97 21.59
C ILE A 57 -19.65 -6.94 22.17
N GLY A 58 -19.12 -5.75 22.45
CA GLY A 58 -17.78 -5.67 23.00
C GLY A 58 -17.24 -4.26 23.25
N VAL A 59 -16.37 -4.15 24.25
CA VAL A 59 -15.77 -2.88 24.59
C VAL A 59 -14.37 -3.12 25.14
N GLU A 60 -13.37 -2.46 24.55
CA GLU A 60 -12.01 -2.61 25.01
C GLU A 60 -11.41 -1.29 25.48
N PHE A 61 -10.51 -1.38 26.43
CA PHE A 61 -9.86 -0.20 26.98
C PHE A 61 -8.36 -0.30 26.71
N TRP A 62 -7.76 0.84 26.41
CA TRP A 62 -6.32 0.90 26.13
C TRP A 62 -5.66 1.60 27.31
N CYS A 63 -5.92 1.06 28.50
CA CYS A 63 -5.38 1.59 29.75
C CYS A 63 -3.86 1.63 29.78
N ASP A 64 -3.22 0.58 29.26
CA ASP A 64 -1.76 0.53 29.23
C ASP A 64 -1.21 1.60 28.31
N ARG A 65 -1.40 1.42 27.01
CA ARG A 65 -0.89 2.37 26.03
C ARG A 65 -1.90 2.52 24.90
N ASP A 66 -1.54 3.34 23.91
CA ASP A 66 -2.39 3.53 22.74
C ASP A 66 -1.78 2.58 21.73
N LEU A 67 -2.52 1.53 21.37
CA LEU A 67 -2.04 0.53 20.42
C LEU A 67 -1.67 1.08 19.04
N ILE A 68 -2.06 2.32 18.76
CA ILE A 68 -1.75 2.99 17.49
C ILE A 68 -1.61 4.47 17.81
N ASN A 69 -0.78 5.19 17.06
CA ASN A 69 -0.61 6.61 17.31
C ASN A 69 -1.82 7.44 16.94
N VAL A 70 -2.50 7.97 17.94
CA VAL A 70 -3.66 8.81 17.73
C VAL A 70 -3.13 10.22 17.53
N THR A 71 -2.90 10.61 16.27
CA THR A 71 -2.38 11.93 15.98
C THR A 71 -3.51 12.95 15.87
N SER A 72 -3.15 14.20 15.59
CA SER A 72 -4.14 15.26 15.44
C SER A 72 -4.86 15.16 14.10
N SER A 73 -4.25 14.42 13.18
CA SER A 73 -4.83 14.21 11.86
C SER A 73 -5.87 13.09 11.93
N ALA A 74 -7.12 13.44 11.69
CA ALA A 74 -8.20 12.44 11.74
C ALA A 74 -8.02 11.40 10.64
N ASP A 75 -7.52 11.82 9.49
CA ASP A 75 -7.31 10.91 8.38
C ASP A 75 -6.21 9.90 8.70
N GLU A 76 -5.13 10.38 9.29
CA GLU A 76 -4.02 9.52 9.64
C GLU A 76 -4.43 8.50 10.69
N THR A 77 -5.10 8.97 11.75
CA THR A 77 -5.53 8.09 12.82
C THR A 77 -6.48 7.00 12.36
N LEU A 78 -7.47 7.36 11.55
CA LEU A 78 -8.43 6.39 11.04
C LEU A 78 -7.68 5.28 10.30
N ASN A 79 -6.86 5.68 9.34
CA ASN A 79 -6.08 4.73 8.56
C ASN A 79 -5.37 3.74 9.50
N SER A 80 -4.64 4.28 10.46
CA SER A 80 -3.91 3.46 11.42
C SER A 80 -4.86 2.56 12.19
N PHE A 81 -6.01 3.11 12.56
CA PHE A 81 -7.00 2.34 13.32
C PHE A 81 -7.54 1.19 12.48
N GLY A 82 -7.83 1.49 11.21
CA GLY A 82 -8.36 0.47 10.32
C GLY A 82 -7.42 -0.71 10.15
N GLU A 83 -6.14 -0.43 9.96
CA GLU A 83 -5.15 -1.48 9.79
C GLU A 83 -4.98 -2.29 11.06
N TRP A 84 -5.24 -1.67 12.21
CA TRP A 84 -5.13 -2.36 13.49
C TRP A 84 -6.34 -3.26 13.66
N ARG A 85 -7.51 -2.69 13.41
CA ARG A 85 -8.77 -3.43 13.53
C ARG A 85 -8.76 -4.70 12.69
N ALA A 86 -7.96 -4.71 11.63
CA ALA A 86 -7.89 -5.87 10.76
C ALA A 86 -6.84 -6.88 11.21
N SER A 87 -5.69 -6.37 11.63
CA SER A 87 -4.58 -7.21 12.06
C SER A 87 -4.71 -7.72 13.49
N ASP A 88 -5.19 -6.86 14.39
CA ASP A 88 -5.32 -7.23 15.80
C ASP A 88 -6.72 -7.67 16.19
N LEU A 89 -7.62 -6.71 16.34
CA LEU A 89 -8.99 -6.97 16.76
C LEU A 89 -9.68 -8.14 16.04
N MET A 90 -9.91 -7.99 14.74
CA MET A 90 -10.57 -9.04 13.97
C MET A 90 -10.06 -10.43 14.27
N THR A 91 -8.73 -10.55 14.37
CA THR A 91 -8.11 -11.83 14.65
C THR A 91 -8.55 -12.36 16.01
N ARG A 92 -8.69 -11.47 16.97
CA ARG A 92 -9.10 -11.85 18.31
C ARG A 92 -10.61 -12.02 18.45
N LYS A 93 -11.35 -10.95 18.23
CA LYS A 93 -12.81 -11.00 18.37
C LYS A 93 -13.55 -10.76 17.06
N SER A 94 -14.65 -11.49 16.88
CA SER A 94 -15.49 -11.38 15.69
C SER A 94 -16.49 -10.25 15.86
N HIS A 95 -16.60 -9.39 14.85
CA HIS A 95 -17.53 -8.27 14.92
C HIS A 95 -17.69 -7.61 13.55
N ASP A 96 -18.76 -6.86 13.38
CA ASP A 96 -19.03 -6.20 12.11
C ASP A 96 -18.27 -4.88 11.90
N ASN A 97 -18.48 -3.95 12.82
CA ASN A 97 -17.85 -2.64 12.73
C ASN A 97 -17.13 -2.30 14.04
N ALA A 98 -16.23 -1.34 14.00
CA ALA A 98 -15.51 -0.95 15.21
C ALA A 98 -15.27 0.56 15.27
N LEU A 99 -15.61 1.16 16.40
CA LEU A 99 -15.43 2.59 16.58
C LEU A 99 -14.40 2.86 17.66
N LEU A 100 -13.67 3.95 17.50
CA LEU A 100 -12.65 4.36 18.45
C LEU A 100 -13.09 5.67 19.07
N PHE A 101 -13.40 5.64 20.36
CA PHE A 101 -13.83 6.83 21.08
C PHE A 101 -12.59 7.50 21.66
N THR A 102 -12.46 8.81 21.44
CA THR A 102 -11.30 9.55 21.92
C THR A 102 -11.63 10.95 22.44
N ASP A 103 -10.65 11.56 23.09
CA ASP A 103 -10.75 12.92 23.64
C ASP A 103 -10.00 13.82 22.67
N MET A 104 -9.01 13.22 22.02
CA MET A 104 -8.16 13.89 21.05
C MET A 104 -8.84 15.00 20.27
N ARG A 105 -8.17 16.16 20.22
CA ARG A 105 -8.68 17.32 19.49
C ARG A 105 -8.04 17.30 18.11
N PHE A 106 -8.70 16.66 17.16
CA PHE A 106 -8.19 16.57 15.80
C PHE A 106 -8.18 17.94 15.13
N ASP A 107 -7.36 18.09 14.09
CA ASP A 107 -7.29 19.36 13.37
C ASP A 107 -8.55 19.63 12.57
N LEU A 108 -8.67 20.85 12.05
CA LEU A 108 -9.83 21.24 11.25
C LEU A 108 -11.18 21.15 11.98
N ASN A 109 -11.14 21.03 13.31
CA ASN A 109 -12.36 20.98 14.11
C ASN A 109 -13.18 19.71 13.93
N THR A 110 -12.59 18.66 13.36
CA THR A 110 -13.35 17.43 13.12
C THR A 110 -13.69 16.63 14.37
N LEU A 111 -14.93 16.17 14.43
CA LEU A 111 -15.45 15.40 15.55
C LEU A 111 -15.57 13.89 15.32
N GLY A 112 -15.53 13.49 14.05
CA GLY A 112 -15.64 12.08 13.72
C GLY A 112 -15.23 11.80 12.28
N ILE A 113 -14.82 10.58 12.01
CA ILE A 113 -14.39 10.25 10.66
C ILE A 113 -14.55 8.74 10.39
N THR A 114 -14.85 8.38 9.14
CA THR A 114 -14.99 6.97 8.76
C THR A 114 -14.77 6.80 7.27
N PHE A 115 -14.87 5.57 6.78
CA PHE A 115 -14.70 5.30 5.35
C PHE A 115 -16.07 5.16 4.68
N LEU A 116 -16.17 5.57 3.43
CA LEU A 116 -17.44 5.50 2.71
C LEU A 116 -17.79 4.08 2.32
N ALA A 117 -19.03 3.68 2.60
CA ALA A 117 -19.49 2.34 2.27
C ALA A 117 -18.43 1.30 2.64
N GLY A 118 -18.00 1.32 3.90
CA GLY A 118 -16.97 0.39 4.33
C GLY A 118 -17.51 -0.73 5.20
N MET A 119 -18.76 -0.60 5.62
CA MET A 119 -19.39 -1.61 6.47
C MET A 119 -19.05 -3.01 5.98
N CYS A 120 -18.66 -3.86 6.93
CA CYS A 120 -18.28 -5.25 6.69
C CYS A 120 -16.85 -5.48 6.20
N GLN A 121 -16.25 -4.47 5.57
CA GLN A 121 -14.89 -4.62 5.07
C GLN A 121 -13.84 -4.58 6.18
N ALA A 122 -12.94 -5.57 6.18
CA ALA A 122 -11.88 -5.68 7.17
C ALA A 122 -11.24 -4.34 7.55
N TYR A 123 -10.42 -3.80 6.65
CA TYR A 123 -9.72 -2.54 6.91
C TYR A 123 -10.57 -1.27 6.91
N ARG A 124 -11.79 -1.33 6.39
CA ARG A 124 -12.59 -0.10 6.33
C ARG A 124 -13.91 -0.10 7.07
N SER A 125 -14.15 -1.07 7.93
CA SER A 125 -15.39 -1.08 8.69
C SER A 125 -15.05 -0.49 10.05
N VAL A 126 -14.45 0.70 10.02
CA VAL A 126 -14.05 1.38 11.24
C VAL A 126 -14.44 2.85 11.23
N GLY A 127 -14.38 3.48 12.39
CA GLY A 127 -14.73 4.89 12.50
C GLY A 127 -14.20 5.50 13.78
N ILE A 128 -13.93 6.79 13.73
CA ILE A 128 -13.41 7.51 14.90
C ILE A 128 -14.48 8.47 15.42
N VAL A 129 -14.58 8.59 16.73
CA VAL A 129 -15.56 9.48 17.33
C VAL A 129 -14.98 10.18 18.56
N GLN A 130 -15.03 11.50 18.53
CA GLN A 130 -14.54 12.30 19.63
C GLN A 130 -15.71 12.43 20.62
N GLU A 131 -15.48 11.96 21.84
CA GLU A 131 -16.49 12.01 22.89
C GLU A 131 -16.71 13.44 23.35
N GLN A 132 -17.95 13.91 23.31
CA GLN A 132 -18.27 15.28 23.73
C GLN A 132 -18.55 15.36 25.24
N GLY A 133 -17.57 14.97 26.04
CA GLY A 133 -17.73 15.02 27.48
C GLY A 133 -18.94 14.25 27.97
N ASN A 134 -19.97 14.96 28.42
CA ASN A 134 -21.17 14.31 28.92
C ASN A 134 -22.39 14.70 28.11
N ARG A 135 -22.15 15.27 26.93
CA ARG A 135 -23.24 15.68 26.05
C ARG A 135 -23.61 14.43 25.24
N ASN A 136 -23.83 13.32 25.95
CA ASN A 136 -24.16 12.03 25.35
C ASN A 136 -24.93 12.04 24.03
N PHE A 137 -26.07 12.71 23.99
CA PHE A 137 -26.88 12.73 22.78
C PHE A 137 -26.18 13.39 21.60
N LYS A 138 -25.39 14.43 21.85
CA LYS A 138 -24.68 15.10 20.78
C LYS A 138 -23.59 14.16 20.27
N THR A 139 -23.17 13.24 21.12
CA THR A 139 -22.16 12.26 20.78
C THR A 139 -22.80 11.16 19.93
N ALA A 140 -24.03 10.81 20.29
CA ALA A 140 -24.77 9.78 19.56
C ALA A 140 -24.89 10.19 18.10
N VAL A 141 -25.22 11.46 17.86
CA VAL A 141 -25.35 11.95 16.49
C VAL A 141 -24.08 11.68 15.68
N ILE A 142 -22.93 11.96 16.27
CA ILE A 142 -21.65 11.75 15.59
C ILE A 142 -21.53 10.28 15.21
N MET A 143 -21.70 9.40 16.19
CA MET A 143 -21.64 7.97 15.97
C MET A 143 -22.56 7.59 14.80
N ALA A 144 -23.77 8.15 14.82
CA ALA A 144 -24.74 7.89 13.76
C ALA A 144 -24.25 8.46 12.43
N HIS A 145 -23.75 9.69 12.47
CA HIS A 145 -23.23 10.37 11.28
C HIS A 145 -22.17 9.53 10.59
N GLU A 146 -21.33 8.88 11.39
CA GLU A 146 -20.25 8.06 10.84
C GLU A 146 -20.74 6.72 10.33
N LEU A 147 -21.39 5.94 11.19
CA LEU A 147 -21.88 4.64 10.79
C LEU A 147 -22.69 4.74 9.50
N SER A 148 -23.35 5.88 9.29
CA SER A 148 -24.14 6.06 8.08
C SER A 148 -23.22 6.26 6.88
N HIS A 149 -22.15 7.03 7.08
CA HIS A 149 -21.18 7.26 6.02
C HIS A 149 -20.63 5.88 5.63
N ASN A 150 -20.57 5.02 6.62
CA ASN A 150 -20.06 3.67 6.45
C ASN A 150 -21.10 2.78 5.77
N LEU A 151 -22.34 3.27 5.69
CA LEU A 151 -23.42 2.56 5.02
C LEU A 151 -23.83 3.31 3.74
N GLY A 152 -22.84 3.88 3.07
CA GLY A 152 -23.05 4.58 1.82
C GLY A 152 -23.79 5.91 1.83
N MET A 153 -24.03 6.46 3.01
CA MET A 153 -24.74 7.73 3.10
C MET A 153 -23.81 8.95 3.01
N TYR A 154 -24.21 9.92 2.19
CA TYR A 154 -23.45 11.15 1.99
C TYR A 154 -23.97 12.31 2.84
N HIS A 155 -23.35 13.49 2.65
CA HIS A 155 -23.73 14.70 3.37
C HIS A 155 -24.94 15.35 2.73
N ASP A 156 -25.76 16.01 3.54
CA ASP A 156 -26.95 16.68 3.02
C ASP A 156 -26.54 17.88 2.19
N GLY A 157 -27.05 17.94 0.97
CA GLY A 157 -26.72 19.04 0.08
C GLY A 157 -27.77 20.14 -0.03
N LYS A 158 -27.82 20.78 -1.19
CA LYS A 158 -28.75 21.88 -1.44
C LYS A 158 -30.19 21.66 -0.97
N ASN A 159 -30.87 20.68 -1.56
CA ASN A 159 -32.27 20.43 -1.20
C ASN A 159 -32.57 19.09 -0.54
N CYS A 160 -32.08 18.88 0.68
CA CYS A 160 -32.35 17.66 1.43
C CYS A 160 -33.11 18.16 2.65
N ILE A 161 -34.30 17.63 2.89
CA ILE A 161 -35.09 18.14 4.00
C ILE A 161 -35.46 17.18 5.13
N CYS A 162 -35.68 17.77 6.31
CA CYS A 162 -36.05 17.07 7.53
C CYS A 162 -36.83 18.09 8.36
N ASN A 163 -37.51 17.63 9.40
CA ASN A 163 -38.30 18.54 10.23
C ASN A 163 -37.48 19.47 11.14
N ASP A 164 -36.20 19.16 11.32
CA ASP A 164 -35.36 19.98 12.19
C ASP A 164 -34.47 20.99 11.45
N SER A 165 -34.42 20.89 10.12
CA SER A 165 -33.61 21.80 9.32
C SER A 165 -32.13 21.63 9.66
N SER A 166 -31.78 20.47 10.19
CA SER A 166 -30.40 20.16 10.56
C SER A 166 -30.30 18.67 10.84
N CYS A 167 -30.47 17.87 9.79
CA CYS A 167 -30.42 16.42 9.91
C CYS A 167 -29.04 15.84 10.21
N VAL A 168 -29.05 14.58 10.64
CA VAL A 168 -27.84 13.86 10.98
C VAL A 168 -26.69 13.97 9.97
N MET A 169 -27.01 13.86 8.69
CA MET A 169 -25.96 13.92 7.68
C MET A 169 -25.51 15.29 7.21
N SER A 170 -25.75 16.33 8.01
CA SER A 170 -25.32 17.67 7.63
C SER A 170 -23.81 17.66 7.82
N PRO A 171 -23.07 18.34 6.94
CA PRO A 171 -21.61 18.37 7.08
C PRO A 171 -21.15 19.15 8.29
N VAL A 172 -22.10 19.78 8.99
CA VAL A 172 -21.78 20.55 10.17
C VAL A 172 -22.70 20.21 11.34
N LEU A 173 -22.12 19.74 12.43
CA LEU A 173 -22.87 19.36 13.62
C LEU A 173 -23.39 20.60 14.34
N SER A 174 -24.71 20.76 14.41
CA SER A 174 -25.30 21.91 15.08
C SER A 174 -25.21 21.71 16.60
N ASP A 175 -25.46 22.79 17.35
CA ASP A 175 -25.40 22.72 18.81
C ASP A 175 -26.55 21.88 19.36
N GLN A 176 -27.63 21.81 18.59
CA GLN A 176 -28.80 21.02 18.95
C GLN A 176 -29.13 20.15 17.74
N PRO A 177 -28.20 19.25 17.37
CA PRO A 177 -28.34 18.35 16.23
C PRO A 177 -29.69 17.65 16.19
N SER A 178 -30.17 17.42 14.98
CA SER A 178 -31.44 16.73 14.82
C SER A 178 -31.20 15.27 15.14
N LYS A 179 -32.29 14.50 15.11
CA LYS A 179 -32.23 13.08 15.38
C LYS A 179 -32.90 12.42 14.18
N LEU A 180 -33.11 13.22 13.14
CA LEU A 180 -33.77 12.75 11.93
C LEU A 180 -32.87 12.70 10.71
N PHE A 181 -33.08 11.68 9.87
CA PHE A 181 -32.31 11.52 8.65
C PHE A 181 -32.96 12.31 7.53
N SER A 182 -32.18 12.65 6.52
CA SER A 182 -32.69 13.46 5.42
C SER A 182 -33.34 12.74 4.27
N ASN A 183 -33.94 13.53 3.41
CA ASN A 183 -34.59 13.08 2.19
C ASN A 183 -33.52 12.30 1.45
N CYS A 184 -32.42 12.99 1.16
CA CYS A 184 -31.30 12.42 0.42
C CYS A 184 -30.66 11.20 1.07
N SER A 185 -30.55 11.21 2.40
CA SER A 185 -29.95 10.10 3.12
C SER A 185 -30.67 8.78 2.89
N ILE A 186 -31.98 8.77 3.13
CA ILE A 186 -32.80 7.58 2.95
C ILE A 186 -32.49 6.96 1.58
N HIS A 187 -32.49 7.79 0.56
CA HIS A 187 -32.21 7.34 -0.81
C HIS A 187 -30.79 6.83 -0.98
N ASP A 188 -29.83 7.51 -0.36
CA ASP A 188 -28.43 7.10 -0.46
C ASP A 188 -28.24 5.72 0.16
N TYR A 189 -28.90 5.49 1.30
CA TYR A 189 -28.82 4.21 1.99
C TYR A 189 -29.40 3.09 1.13
N GLN A 190 -30.60 3.31 0.61
CA GLN A 190 -31.25 2.34 -0.26
C GLN A 190 -30.30 1.99 -1.40
N ARG A 191 -29.62 3.00 -1.93
CA ARG A 191 -28.69 2.78 -3.02
C ARG A 191 -27.49 1.97 -2.56
N TYR A 192 -27.10 2.17 -1.30
CA TYR A 192 -25.95 1.44 -0.75
C TYR A 192 -26.23 -0.05 -0.70
N LEU A 193 -27.41 -0.40 -0.18
CA LEU A 193 -27.81 -1.79 -0.04
C LEU A 193 -27.92 -2.55 -1.35
N THR A 194 -28.55 -1.96 -2.37
CA THR A 194 -28.70 -2.67 -3.64
C THR A 194 -27.40 -2.75 -4.42
N ARG A 195 -26.38 -2.02 -3.97
CA ARG A 195 -25.09 -2.04 -4.65
C ARG A 195 -24.07 -2.91 -3.95
N TYR A 196 -23.72 -2.57 -2.71
CA TYR A 196 -22.72 -3.34 -1.98
C TYR A 196 -23.26 -4.64 -1.37
N LYS A 197 -24.57 -4.71 -1.18
CA LYS A 197 -25.21 -5.90 -0.64
C LYS A 197 -24.44 -6.51 0.53
N PRO A 198 -24.27 -5.76 1.63
CA PRO A 198 -23.54 -6.25 2.81
C PRO A 198 -24.18 -7.49 3.43
N LYS A 199 -23.39 -8.55 3.60
CA LYS A 199 -23.87 -9.80 4.16
C LYS A 199 -23.65 -9.92 5.66
N CYS A 200 -22.73 -9.15 6.20
CA CYS A 200 -22.42 -9.22 7.61
C CYS A 200 -23.38 -8.47 8.55
N ILE A 201 -24.45 -7.91 8.00
CA ILE A 201 -25.39 -7.16 8.84
C ILE A 201 -26.84 -7.64 8.85
N PHE A 202 -27.09 -8.91 8.55
CA PHE A 202 -28.48 -9.37 8.54
C PHE A 202 -29.02 -10.04 9.78
N ASN A 203 -28.22 -10.89 10.41
CA ASN A 203 -28.69 -11.56 11.61
C ASN A 203 -28.07 -10.93 12.87
N PRO A 204 -28.88 -10.74 13.92
CA PRO A 204 -28.39 -10.14 15.17
C PRO A 204 -27.50 -11.09 15.95
N PRO A 205 -26.81 -10.59 16.97
CA PRO A 205 -25.93 -11.47 17.76
C PRO A 205 -26.77 -12.16 18.83
N LEU A 206 -26.30 -13.30 19.31
CA LEU A 206 -27.03 -14.02 20.35
C LEU A 206 -27.19 -13.05 21.53
N ARG A 207 -28.32 -13.13 22.22
CA ARG A 207 -28.59 -12.27 23.36
C ARG A 207 -27.46 -12.42 24.38
N LYS A 208 -26.94 -13.63 24.44
CA LYS A 208 -25.85 -13.98 25.32
C LYS A 208 -24.63 -13.05 25.15
N ASP A 209 -24.33 -12.72 23.89
CA ASP A 209 -23.18 -11.88 23.57
C ASP A 209 -23.33 -10.37 23.57
N ILE A 210 -24.56 -9.85 23.71
CA ILE A 210 -24.75 -8.40 23.75
C ILE A 210 -24.34 -7.92 25.15
N VAL A 211 -23.39 -6.99 25.20
CA VAL A 211 -22.89 -6.49 26.49
C VAL A 211 -23.62 -5.26 27.01
N SER A 212 -24.35 -4.57 26.15
CA SER A 212 -25.08 -3.39 26.57
C SER A 212 -26.23 -3.78 27.48
N PRO A 213 -26.45 -3.03 28.57
CA PRO A 213 -27.55 -3.34 29.49
C PRO A 213 -28.87 -3.39 28.71
N PRO A 214 -29.62 -4.49 28.85
CA PRO A 214 -30.90 -4.66 28.16
C PRO A 214 -31.77 -3.40 28.14
N VAL A 215 -32.54 -3.26 27.07
CA VAL A 215 -33.45 -2.13 26.89
C VAL A 215 -34.68 -2.61 26.16
N CYS A 216 -35.84 -2.48 26.78
CA CYS A 216 -37.08 -2.92 26.15
C CYS A 216 -37.60 -1.93 25.12
N GLY A 217 -38.01 -2.44 23.96
CA GLY A 217 -38.54 -1.59 22.90
C GLY A 217 -37.53 -1.13 21.87
N ASN A 218 -36.29 -1.58 21.99
CA ASN A 218 -35.22 -1.21 21.06
C ASN A 218 -35.14 -2.18 19.88
N GLU A 219 -36.21 -2.93 19.66
CA GLU A 219 -36.27 -3.91 18.57
C GLU A 219 -35.05 -4.82 18.59
N ILE A 220 -34.51 -5.07 19.78
CA ILE A 220 -33.35 -5.92 19.92
C ILE A 220 -33.54 -6.92 21.05
N TRP A 221 -33.93 -8.14 20.71
CA TRP A 221 -34.16 -9.17 21.73
C TRP A 221 -32.90 -9.39 22.54
N GLU A 222 -32.93 -8.95 23.79
CA GLU A 222 -31.78 -9.10 24.68
C GLU A 222 -32.10 -10.00 25.87
N GLU A 223 -31.05 -10.37 26.59
CA GLU A 223 -31.14 -11.22 27.77
C GLU A 223 -32.02 -10.57 28.83
N GLY A 224 -32.98 -11.31 29.36
CA GLY A 224 -33.86 -10.77 30.38
C GLY A 224 -35.19 -10.31 29.81
N GLU A 225 -35.21 -10.06 28.50
CA GLU A 225 -36.43 -9.64 27.83
C GLU A 225 -37.16 -10.87 27.34
N GLU A 226 -38.48 -10.89 27.49
CA GLU A 226 -39.27 -12.03 27.06
C GLU A 226 -39.42 -12.00 25.54
N CYS A 227 -39.41 -10.79 25.00
CA CYS A 227 -39.53 -10.55 23.57
C CYS A 227 -39.31 -9.06 23.38
N ASP A 228 -39.43 -8.57 22.15
CA ASP A 228 -39.22 -7.14 21.88
C ASP A 228 -39.60 -6.79 20.44
N CYS A 229 -40.79 -6.22 20.27
CA CYS A 229 -41.25 -5.80 18.95
C CYS A 229 -41.08 -4.30 18.82
N GLY A 230 -40.25 -3.75 19.70
CA GLY A 230 -39.99 -2.32 19.67
C GLY A 230 -40.96 -1.51 20.52
N SER A 231 -41.26 -0.31 20.06
CA SER A 231 -42.17 0.59 20.77
C SER A 231 -43.62 0.23 20.43
N PRO A 232 -44.55 0.54 21.35
CA PRO A 232 -45.97 0.24 21.14
C PRO A 232 -46.46 0.92 19.87
N ALA A 233 -45.77 1.99 19.49
CA ALA A 233 -46.10 2.76 18.30
C ALA A 233 -45.99 1.93 17.04
N ASN A 234 -44.80 1.42 16.76
CA ASN A 234 -44.58 0.61 15.56
C ASN A 234 -44.35 -0.87 15.82
N CYS A 235 -45.25 -1.48 16.59
CA CYS A 235 -45.16 -2.92 16.88
C CYS A 235 -46.34 -3.66 16.26
N GLN A 236 -46.03 -4.68 15.46
CA GLN A 236 -47.06 -5.50 14.81
C GLN A 236 -46.89 -6.96 15.22
N ASN A 237 -46.38 -7.19 16.42
CA ASN A 237 -46.17 -8.55 16.90
C ASN A 237 -47.36 -9.02 17.75
N PRO A 238 -48.26 -9.80 17.15
CA PRO A 238 -49.47 -10.35 17.80
C PRO A 238 -49.21 -11.11 19.09
N CYS A 239 -47.97 -11.42 19.41
CA CYS A 239 -47.70 -12.17 20.63
C CYS A 239 -46.63 -11.61 21.57
N CYS A 240 -46.52 -10.29 21.60
CA CYS A 240 -45.56 -9.64 22.47
C CYS A 240 -46.15 -8.34 22.99
N ASP A 241 -45.89 -8.02 24.25
CA ASP A 241 -46.40 -6.80 24.84
C ASP A 241 -45.47 -5.65 24.46
N ALA A 242 -45.95 -4.82 23.53
CA ALA A 242 -45.19 -3.69 23.03
C ALA A 242 -44.58 -2.83 24.13
N ALA A 243 -45.08 -2.96 25.36
CA ALA A 243 -44.56 -2.16 26.46
C ALA A 243 -43.67 -2.91 27.43
N THR A 244 -44.22 -3.90 28.13
CA THR A 244 -43.47 -4.66 29.12
C THR A 244 -42.58 -5.76 28.53
N CYS A 245 -42.49 -5.81 27.20
CA CYS A 245 -41.66 -6.82 26.55
C CYS A 245 -41.94 -8.21 27.15
N LYS A 246 -43.22 -8.54 27.23
CA LYS A 246 -43.66 -9.82 27.76
C LYS A 246 -44.51 -10.50 26.71
N LEU A 247 -44.53 -11.83 26.74
CA LEU A 247 -45.31 -12.60 25.78
C LEU A 247 -46.80 -12.45 26.05
N LYS A 248 -47.57 -12.31 24.97
CA LYS A 248 -49.02 -12.17 25.07
C LYS A 248 -49.62 -13.48 25.59
N PRO A 249 -50.96 -13.59 25.62
CA PRO A 249 -51.62 -14.81 26.12
C PRO A 249 -50.97 -16.16 25.81
N GLY A 250 -51.31 -16.75 24.65
CA GLY A 250 -50.77 -18.05 24.31
C GLY A 250 -49.66 -18.10 23.27
N ALA A 251 -48.47 -17.63 23.65
CA ALA A 251 -47.32 -17.64 22.74
C ALA A 251 -46.06 -18.04 23.48
N GLU A 252 -45.24 -18.88 22.85
CA GLU A 252 -43.99 -19.35 23.44
C GLU A 252 -42.83 -18.39 23.15
N CYS A 253 -42.95 -17.64 22.06
CA CYS A 253 -41.91 -16.71 21.65
C CYS A 253 -42.49 -15.51 20.92
N GLY A 254 -41.67 -14.48 20.75
CA GLY A 254 -42.10 -13.28 20.06
C GLY A 254 -41.21 -13.02 18.86
N ASN A 255 -39.91 -13.26 19.05
CA ASN A 255 -38.94 -13.07 17.99
C ASN A 255 -37.92 -14.22 17.98
N GLY A 256 -37.33 -14.46 16.81
CA GLY A 256 -36.36 -15.53 16.69
C GLY A 256 -36.61 -16.32 15.42
N LEU A 257 -35.55 -16.82 14.80
CA LEU A 257 -35.72 -17.58 13.57
C LEU A 257 -36.43 -18.90 13.86
N CYS A 258 -36.43 -19.31 15.12
CA CYS A 258 -37.09 -20.55 15.51
C CYS A 258 -38.42 -20.26 16.20
N CYS A 259 -39.18 -19.34 15.62
CA CYS A 259 -40.47 -18.97 16.15
C CYS A 259 -41.40 -18.81 14.95
N TYR A 260 -42.52 -19.53 14.97
CA TYR A 260 -43.49 -19.47 13.88
C TYR A 260 -44.91 -19.44 14.44
N GLN A 261 -45.73 -18.53 13.92
CA GLN A 261 -47.11 -18.40 14.38
C GLN A 261 -47.10 -18.15 15.88
N CYS A 262 -45.93 -17.74 16.39
CA CYS A 262 -45.74 -17.45 17.80
C CYS A 262 -45.46 -18.69 18.64
N LYS A 263 -44.98 -19.74 17.99
CA LYS A 263 -44.65 -20.99 18.67
C LYS A 263 -43.25 -21.48 18.30
N ILE A 264 -42.51 -21.96 19.29
CA ILE A 264 -41.15 -22.45 19.09
C ILE A 264 -41.10 -23.57 18.06
N LYS A 265 -40.28 -23.42 17.03
CA LYS A 265 -40.16 -24.46 16.00
C LYS A 265 -39.59 -25.72 16.63
N THR A 266 -39.93 -26.88 16.07
CA THR A 266 -39.45 -28.15 16.60
C THR A 266 -37.97 -28.35 16.30
N ALA A 267 -37.33 -29.22 17.07
CA ALA A 267 -35.90 -29.50 16.86
C ALA A 267 -35.65 -30.13 15.49
N GLY A 268 -34.42 -30.02 15.01
CA GLY A 268 -34.07 -30.57 13.72
C GLY A 268 -34.50 -29.71 12.54
N THR A 269 -35.34 -28.72 12.81
CA THR A 269 -35.83 -27.83 11.75
C THR A 269 -34.86 -26.69 11.46
N VAL A 270 -34.44 -26.60 10.21
CA VAL A 270 -33.51 -25.55 9.78
C VAL A 270 -34.02 -24.16 10.11
N CYS A 271 -33.22 -23.37 10.82
CA CYS A 271 -33.60 -22.01 11.15
C CYS A 271 -32.82 -20.98 10.36
N ARG A 272 -31.72 -21.42 9.75
CA ARG A 272 -30.89 -20.54 8.94
C ARG A 272 -30.12 -21.36 7.92
N ARG A 273 -30.58 -21.32 6.66
CA ARG A 273 -29.94 -22.07 5.58
C ARG A 273 -28.52 -21.55 5.33
N ALA A 274 -27.87 -22.16 4.33
CA ALA A 274 -26.53 -21.73 3.95
C ALA A 274 -26.72 -20.72 2.82
N ARG A 275 -26.20 -19.52 3.01
CA ARG A 275 -26.34 -18.46 2.01
C ARG A 275 -25.58 -18.85 0.74
N ASP A 276 -24.28 -19.07 0.90
CA ASP A 276 -23.42 -19.44 -0.21
C ASP A 276 -22.72 -20.76 0.11
N GLU A 277 -21.75 -21.14 -0.71
CA GLU A 277 -21.02 -22.38 -0.47
C GLU A 277 -20.07 -22.22 0.72
N CYS A 278 -19.86 -20.99 1.15
CA CYS A 278 -19.00 -20.72 2.28
C CYS A 278 -19.79 -20.56 3.57
N ASP A 279 -20.96 -21.18 3.61
CA ASP A 279 -21.81 -21.08 4.78
C ASP A 279 -22.32 -22.45 5.22
N VAL A 280 -22.53 -22.59 6.53
CA VAL A 280 -23.02 -23.82 7.11
C VAL A 280 -24.35 -23.52 7.78
N PRO A 281 -25.39 -24.30 7.45
CA PRO A 281 -26.73 -24.11 8.03
C PRO A 281 -26.83 -24.36 9.51
N GLU A 282 -27.89 -23.82 10.11
CA GLU A 282 -28.16 -23.97 11.52
C GLU A 282 -29.61 -24.44 11.68
N HIS A 283 -29.84 -25.39 12.59
CA HIS A 283 -31.18 -25.91 12.83
C HIS A 283 -31.57 -25.62 14.27
N CYS A 284 -32.87 -25.54 14.53
CA CYS A 284 -33.37 -25.26 15.87
C CYS A 284 -33.12 -26.40 16.85
N THR A 285 -32.80 -26.03 18.08
CA THR A 285 -32.54 -26.98 19.14
C THR A 285 -33.88 -27.46 19.67
N GLY A 286 -34.90 -26.63 19.46
CA GLY A 286 -36.23 -26.95 19.92
C GLY A 286 -36.43 -26.46 21.34
N GLN A 287 -35.36 -26.00 21.97
CA GLN A 287 -35.42 -25.51 23.34
C GLN A 287 -35.57 -24.00 23.42
N SER A 288 -35.27 -23.32 22.33
CA SER A 288 -35.36 -21.86 22.29
C SER A 288 -35.77 -21.36 20.92
N ALA A 289 -36.34 -20.16 20.88
CA ALA A 289 -36.78 -19.56 19.63
C ALA A 289 -35.59 -18.92 18.93
N GLU A 290 -34.50 -18.74 19.66
CA GLU A 290 -33.30 -18.16 19.11
C GLU A 290 -32.48 -19.21 18.38
N CYS A 291 -32.23 -18.97 17.10
CA CYS A 291 -31.46 -19.88 16.26
C CYS A 291 -30.03 -19.91 16.80
N PRO A 292 -29.40 -21.09 16.81
CA PRO A 292 -28.03 -21.19 17.32
C PRO A 292 -27.06 -20.22 16.63
N ARG A 293 -25.93 -19.97 17.27
CA ARG A 293 -24.92 -19.05 16.73
C ARG A 293 -24.65 -19.36 15.26
N ASP A 294 -24.61 -18.31 14.43
CA ASP A 294 -24.36 -18.51 13.02
C ASP A 294 -22.91 -18.89 12.80
N GLN A 295 -22.70 -20.00 12.10
CA GLN A 295 -21.36 -20.46 11.81
C GLN A 295 -21.23 -20.59 10.30
N LEU A 296 -20.06 -20.22 9.78
CA LEU A 296 -19.81 -20.29 8.35
C LEU A 296 -18.94 -21.48 8.07
N GLN A 297 -18.63 -21.70 6.80
CA GLN A 297 -17.79 -22.81 6.40
C GLN A 297 -16.39 -22.62 6.97
N GLN A 298 -15.62 -23.71 6.99
CA GLN A 298 -14.26 -23.66 7.49
C GLN A 298 -13.42 -22.79 6.56
N ASN A 299 -12.73 -21.80 7.11
CA ASN A 299 -11.89 -20.94 6.30
C ASN A 299 -10.89 -21.81 5.55
N GLY A 300 -10.60 -21.45 4.30
CA GLY A 300 -9.66 -22.24 3.51
C GLY A 300 -10.38 -23.10 2.49
N LYS A 301 -11.54 -23.62 2.86
CA LYS A 301 -12.34 -24.46 1.97
C LYS A 301 -12.46 -23.83 0.58
N PRO A 302 -12.06 -24.55 -0.47
CA PRO A 302 -12.15 -24.03 -1.84
C PRO A 302 -13.56 -23.55 -2.16
N CYS A 303 -13.66 -22.55 -3.04
CA CYS A 303 -14.96 -22.00 -3.44
C CYS A 303 -14.87 -21.38 -4.83
N GLN A 304 -16.01 -21.36 -5.52
CA GLN A 304 -16.09 -20.81 -6.87
C GLN A 304 -15.28 -21.68 -7.82
N ASN A 305 -15.39 -22.99 -7.66
CA ASN A 305 -14.66 -23.93 -8.51
C ASN A 305 -13.17 -23.61 -8.39
N ASN A 306 -12.67 -23.68 -7.17
CA ASN A 306 -11.27 -23.40 -6.89
C ASN A 306 -10.76 -22.09 -7.49
N ARG A 307 -11.59 -21.07 -7.51
CA ARG A 307 -11.19 -19.76 -8.00
C ARG A 307 -10.81 -18.92 -6.79
N GLY A 308 -10.95 -19.53 -5.60
CA GLY A 308 -10.61 -18.85 -4.36
C GLY A 308 -10.83 -19.76 -3.16
N TYR A 309 -10.67 -19.23 -1.96
CA TYR A 309 -10.87 -20.00 -0.74
C TYR A 309 -11.76 -19.21 0.22
N CYS A 310 -12.71 -19.88 0.86
CA CYS A 310 -13.62 -19.21 1.78
C CYS A 310 -12.89 -18.31 2.78
N TYR A 311 -13.60 -17.29 3.24
CA TYR A 311 -13.03 -16.35 4.19
C TYR A 311 -14.15 -15.65 4.96
N ASN A 312 -14.29 -16.03 6.23
CA ASN A 312 -15.31 -15.46 7.10
C ASN A 312 -16.65 -15.32 6.40
N GLY A 313 -16.98 -16.31 5.56
CA GLY A 313 -18.25 -16.28 4.86
C GLY A 313 -18.22 -15.96 3.39
N ASP A 314 -17.20 -15.24 2.93
CA ASP A 314 -17.11 -14.87 1.52
C ASP A 314 -16.01 -15.58 0.75
N CYS A 315 -16.06 -15.46 -0.57
CA CYS A 315 -15.08 -16.08 -1.45
C CYS A 315 -14.42 -15.00 -2.31
N PRO A 316 -13.51 -14.20 -1.72
CA PRO A 316 -12.84 -13.14 -2.45
C PRO A 316 -12.06 -13.62 -3.67
N ILE A 317 -12.21 -12.89 -4.77
CA ILE A 317 -11.54 -13.22 -6.03
C ILE A 317 -11.12 -11.91 -6.70
N MET A 318 -9.84 -11.80 -7.01
CA MET A 318 -9.31 -10.58 -7.63
C MET A 318 -10.14 -9.99 -8.74
N ARG A 319 -10.61 -10.82 -9.67
CA ARG A 319 -11.42 -10.31 -10.78
C ARG A 319 -12.63 -9.52 -10.31
N ASN A 320 -13.33 -10.04 -9.29
CA ASN A 320 -14.50 -9.34 -8.79
C ASN A 320 -14.16 -8.00 -8.16
N GLN A 321 -13.09 -7.98 -7.37
CA GLN A 321 -12.68 -6.75 -6.71
C GLN A 321 -12.30 -5.72 -7.77
N CYS A 322 -11.85 -6.19 -8.92
CA CYS A 322 -11.50 -5.26 -9.99
C CYS A 322 -12.79 -4.68 -10.56
N ILE A 323 -13.82 -5.51 -10.63
CA ILE A 323 -15.10 -5.07 -11.14
C ILE A 323 -15.75 -4.08 -10.19
N SER A 324 -15.56 -4.30 -8.90
CA SER A 324 -16.12 -3.40 -7.89
C SER A 324 -15.52 -2.01 -8.06
N LEU A 325 -14.23 -1.98 -8.36
CA LEU A 325 -13.51 -0.73 -8.53
C LEU A 325 -13.60 -0.08 -9.89
N PHE A 326 -13.49 -0.86 -10.96
CA PHE A 326 -13.52 -0.26 -12.29
C PHE A 326 -14.66 -0.62 -13.22
N GLY A 327 -15.64 -1.36 -12.73
CA GLY A 327 -16.76 -1.71 -13.58
C GLY A 327 -16.79 -3.12 -14.11
N SER A 328 -17.83 -3.42 -14.87
CA SER A 328 -18.04 -4.73 -15.46
C SER A 328 -16.99 -5.10 -16.50
N ARG A 329 -16.41 -4.08 -17.13
CA ARG A 329 -15.41 -4.29 -18.17
C ARG A 329 -13.99 -4.49 -17.65
N ALA A 330 -13.81 -4.57 -16.34
CA ALA A 330 -12.48 -4.72 -15.74
C ALA A 330 -12.07 -6.15 -15.39
N ASN A 331 -10.77 -6.35 -15.22
CA ASN A 331 -10.21 -7.65 -14.86
C ASN A 331 -8.81 -7.45 -14.26
N VAL A 332 -8.24 -8.49 -13.67
CA VAL A 332 -6.91 -8.39 -13.07
C VAL A 332 -5.83 -8.13 -14.11
N ALA A 333 -4.83 -7.35 -13.74
CA ALA A 333 -3.74 -7.04 -14.66
C ALA A 333 -2.73 -8.17 -14.69
N LYS A 334 -1.75 -8.06 -15.58
CA LYS A 334 -0.72 -9.09 -15.71
C LYS A 334 0.30 -8.91 -14.58
N ASP A 335 0.74 -10.04 -14.01
CA ASP A 335 1.71 -10.04 -12.92
C ASP A 335 2.66 -8.85 -12.97
N SER A 336 3.22 -8.60 -14.15
CA SER A 336 4.16 -7.49 -14.33
C SER A 336 3.81 -6.26 -13.50
N CYS A 337 2.52 -5.93 -13.44
CA CYS A 337 2.06 -4.76 -12.71
C CYS A 337 2.34 -4.82 -11.20
N PHE A 338 2.02 -5.96 -10.61
CA PHE A 338 2.22 -6.14 -9.17
C PHE A 338 3.65 -5.90 -8.69
N GLN A 339 4.59 -5.83 -9.62
CA GLN A 339 5.97 -5.60 -9.26
C GLN A 339 6.14 -4.18 -8.74
N GLU A 340 5.14 -3.34 -8.98
CA GLU A 340 5.17 -1.96 -8.52
C GLU A 340 5.05 -1.92 -7.00
N ASN A 341 4.63 -3.06 -6.43
CA ASN A 341 4.45 -3.19 -4.99
C ASN A 341 5.75 -3.40 -4.22
N LEU A 342 6.85 -3.50 -4.94
CA LEU A 342 8.16 -3.70 -4.32
C LEU A 342 8.82 -2.35 -4.03
N LYS A 343 8.37 -1.32 -4.74
CA LYS A 343 8.92 0.01 -4.58
C LYS A 343 8.53 0.68 -3.26
N GLY A 344 7.46 0.20 -2.64
CA GLY A 344 7.02 0.82 -1.41
C GLY A 344 6.63 2.26 -1.74
N SER A 345 6.05 2.43 -2.92
CA SER A 345 5.61 3.74 -3.43
C SER A 345 4.50 4.27 -2.56
N TYR A 346 3.81 5.32 -3.02
CA TYR A 346 2.72 5.84 -2.22
C TYR A 346 1.50 4.93 -2.38
N TYR A 347 1.45 4.19 -3.50
CA TYR A 347 0.34 3.28 -3.74
C TYR A 347 0.81 1.83 -3.84
N GLY A 348 2.09 1.65 -4.13
CA GLY A 348 2.63 0.30 -4.24
C GLY A 348 3.37 -0.10 -2.98
N TYR A 349 2.70 -0.87 -2.12
CA TYR A 349 3.30 -1.33 -0.87
C TYR A 349 2.47 -2.48 -0.31
N CYS A 350 2.77 -2.87 0.92
CA CYS A 350 2.03 -3.94 1.59
C CYS A 350 1.60 -3.44 2.95
N ARG A 351 2.40 -3.73 3.97
CA ARG A 351 2.07 -3.29 5.31
C ARG A 351 2.53 -1.87 5.54
N LYS A 352 2.02 -1.27 6.61
CA LYS A 352 2.40 0.09 7.00
C LYS A 352 2.75 0.09 8.48
N GLU A 353 3.85 0.75 8.81
CA GLU A 353 4.30 0.86 10.19
C GLU A 353 4.44 2.33 10.57
N ASN A 354 3.50 2.81 11.37
CA ASN A 354 3.53 4.21 11.79
C ASN A 354 3.30 5.10 10.57
N GLY A 355 2.35 4.71 9.73
CA GLY A 355 2.05 5.47 8.54
C GLY A 355 3.09 5.28 7.44
N ARG A 356 4.25 4.76 7.81
CA ARG A 356 5.35 4.52 6.88
C ARG A 356 5.03 3.32 5.99
N LYS A 357 5.05 3.51 4.67
CA LYS A 357 4.73 2.42 3.74
C LYS A 357 5.91 1.49 3.48
N ILE A 358 5.68 0.21 3.72
CA ILE A 358 6.70 -0.81 3.55
C ILE A 358 6.51 -1.69 2.31
N PRO A 359 7.56 -1.81 1.47
CA PRO A 359 7.49 -2.62 0.26
C PRO A 359 7.19 -4.09 0.54
N CYS A 360 6.64 -4.80 -0.43
CA CYS A 360 6.29 -6.21 -0.25
C CYS A 360 7.47 -7.10 -0.61
N ALA A 361 7.62 -8.19 0.13
CA ALA A 361 8.68 -9.14 -0.17
C ALA A 361 8.22 -9.71 -1.51
N PRO A 362 9.16 -10.09 -2.38
CA PRO A 362 8.78 -10.64 -3.69
C PRO A 362 7.72 -11.74 -3.61
N GLN A 363 7.52 -12.31 -2.43
CA GLN A 363 6.54 -13.37 -2.27
C GLN A 363 5.15 -12.88 -1.85
N ASP A 364 5.03 -11.58 -1.56
CA ASP A 364 3.75 -11.02 -1.14
C ASP A 364 3.30 -9.87 -2.05
N VAL A 365 3.74 -9.85 -3.29
CA VAL A 365 3.34 -8.77 -4.20
C VAL A 365 1.87 -8.85 -4.60
N LYS A 366 1.31 -10.06 -4.54
CA LYS A 366 -0.10 -10.24 -4.89
C LYS A 366 -1.02 -9.92 -3.72
N CYS A 367 -0.50 -9.24 -2.70
CA CYS A 367 -1.32 -8.87 -1.55
C CYS A 367 -1.27 -7.39 -1.22
N GLY A 368 -0.52 -6.63 -2.02
CA GLY A 368 -0.44 -5.20 -1.79
C GLY A 368 -1.54 -4.50 -2.58
N ARG A 369 -1.17 -3.47 -3.33
CA ARG A 369 -2.15 -2.75 -4.12
C ARG A 369 -2.67 -3.65 -5.23
N LEU A 370 -3.97 -3.60 -5.48
CA LEU A 370 -4.56 -4.40 -6.53
C LEU A 370 -4.45 -3.64 -7.84
N PHE A 371 -4.02 -4.33 -8.89
CA PHE A 371 -3.90 -3.71 -10.21
C PHE A 371 -4.87 -4.38 -11.16
N CYS A 372 -5.62 -3.57 -11.89
CA CYS A 372 -6.60 -4.10 -12.82
C CYS A 372 -6.37 -3.64 -14.23
N LEU A 373 -6.89 -4.45 -15.15
CA LEU A 373 -6.78 -4.21 -16.58
C LEU A 373 -8.13 -3.74 -17.10
N ASN A 374 -8.58 -2.58 -16.62
CA ASN A 374 -9.85 -2.01 -17.05
C ASN A 374 -9.81 -1.82 -18.56
N ASN A 375 -10.54 -2.68 -19.26
CA ASN A 375 -10.57 -2.63 -20.72
C ASN A 375 -11.58 -1.61 -21.24
N SER A 376 -11.54 -0.41 -20.68
CA SER A 376 -12.45 0.65 -21.11
C SER A 376 -11.68 1.70 -21.92
N PRO A 377 -12.10 1.91 -23.18
CA PRO A 377 -11.47 2.88 -24.09
C PRO A 377 -11.05 4.18 -23.41
N ARG A 378 -10.14 4.89 -24.09
CA ARG A 378 -9.57 6.16 -23.62
C ARG A 378 -8.34 5.84 -22.79
N ASN A 379 -8.23 4.56 -22.41
CA ASN A 379 -7.12 4.08 -21.61
C ASN A 379 -5.79 4.18 -22.34
N LYS A 380 -4.73 3.84 -21.62
CA LYS A 380 -3.36 3.85 -22.12
C LYS A 380 -2.49 3.19 -21.08
N ASN A 381 -3.10 2.86 -19.94
CA ASN A 381 -2.40 2.22 -18.83
C ASN A 381 -2.93 0.81 -18.61
N PRO A 382 -2.06 -0.21 -18.73
CA PRO A 382 -2.46 -1.61 -18.53
C PRO A 382 -2.37 -2.02 -17.07
N CYS A 383 -2.00 -1.07 -16.21
CA CYS A 383 -1.88 -1.33 -14.78
C CYS A 383 -2.73 -0.37 -13.95
N ASN A 384 -4.04 -0.42 -14.12
CA ASN A 384 -4.91 0.47 -13.36
C ASN A 384 -4.95 0.08 -11.89
N MET A 385 -5.02 1.07 -11.03
CA MET A 385 -5.08 0.84 -9.59
C MET A 385 -5.84 1.95 -8.91
N HIS A 386 -6.44 1.66 -7.77
CA HIS A 386 -7.20 2.65 -7.04
C HIS A 386 -6.45 3.20 -5.82
N TYR A 387 -6.38 4.52 -5.71
CA TYR A 387 -5.72 5.13 -4.57
C TYR A 387 -6.26 6.52 -4.23
N SER A 388 -6.39 6.76 -2.93
CA SER A 388 -6.86 8.02 -2.40
C SER A 388 -6.11 8.20 -1.10
N CYS A 389 -5.51 9.35 -0.87
CA CYS A 389 -4.77 9.51 0.38
C CYS A 389 -5.72 9.53 1.57
N MET A 390 -7.02 9.68 1.30
CA MET A 390 -8.00 9.70 2.39
C MET A 390 -8.68 8.34 2.49
N ASP A 391 -8.34 7.43 1.59
CA ASP A 391 -8.92 6.09 1.57
C ASP A 391 -7.93 5.14 0.90
N GLN A 392 -6.79 4.93 1.55
CA GLN A 392 -5.75 4.10 0.99
C GLN A 392 -5.96 2.59 1.04
N HIS A 393 -6.71 2.11 2.03
CA HIS A 393 -6.94 0.67 2.14
C HIS A 393 -7.77 0.13 0.99
N LYS A 394 -8.74 0.92 0.54
CA LYS A 394 -9.58 0.52 -0.59
C LYS A 394 -8.64 0.60 -1.78
N GLY A 395 -8.48 -0.51 -2.48
CA GLY A 395 -7.57 -0.51 -3.61
C GLY A 395 -6.52 -1.57 -3.37
N MET A 396 -6.33 -1.90 -2.09
CA MET A 396 -5.40 -2.94 -1.69
C MET A 396 -6.17 -4.25 -1.86
N VAL A 397 -5.44 -5.34 -2.08
CA VAL A 397 -6.08 -6.64 -2.26
C VAL A 397 -6.82 -7.07 -1.00
N ASP A 398 -8.11 -7.38 -1.16
CA ASP A 398 -8.93 -7.81 -0.03
C ASP A 398 -8.32 -9.00 0.69
N PRO A 399 -8.13 -8.89 2.01
CA PRO A 399 -7.55 -10.05 2.70
C PRO A 399 -8.47 -11.25 2.52
N GLY A 400 -7.88 -12.43 2.37
CA GLY A 400 -8.66 -13.64 2.18
C GLY A 400 -8.54 -14.08 0.74
N THR A 401 -8.19 -13.14 -0.13
CA THR A 401 -8.03 -13.43 -1.55
C THR A 401 -6.98 -14.50 -1.81
N LYS A 402 -7.15 -15.22 -2.91
CA LYS A 402 -6.23 -16.27 -3.29
C LYS A 402 -5.11 -15.61 -4.11
N CYS A 403 -3.88 -15.64 -3.59
CA CYS A 403 -2.75 -15.02 -4.29
C CYS A 403 -1.97 -16.01 -5.15
N GLU A 404 -2.13 -17.29 -4.85
CA GLU A 404 -1.45 -18.38 -5.59
C GLU A 404 -2.14 -19.67 -5.20
N ASP A 405 -1.99 -20.71 -6.02
CA ASP A 405 -2.62 -21.99 -5.70
C ASP A 405 -2.15 -22.46 -4.34
N GLY A 406 -3.09 -22.55 -3.39
CA GLY A 406 -2.76 -23.00 -2.05
C GLY A 406 -2.37 -21.86 -1.13
N LYS A 407 -2.39 -20.63 -1.64
CA LYS A 407 -2.04 -19.47 -0.84
C LYS A 407 -3.09 -18.36 -0.88
N VAL A 408 -3.19 -17.62 0.22
CA VAL A 408 -4.13 -16.51 0.32
C VAL A 408 -3.51 -15.39 1.16
N CYS A 409 -3.98 -14.17 0.94
CA CYS A 409 -3.47 -13.03 1.71
C CYS A 409 -4.11 -13.05 3.09
N ASN A 410 -3.31 -12.88 4.14
CA ASN A 410 -3.88 -12.83 5.48
C ASN A 410 -4.34 -11.40 5.73
N ASN A 411 -4.64 -11.09 6.99
CA ASN A 411 -5.09 -9.75 7.33
C ASN A 411 -3.93 -8.79 7.52
N LYS A 412 -2.74 -9.24 7.14
CA LYS A 412 -1.54 -8.42 7.28
C LYS A 412 -0.73 -8.30 6.00
N ARG A 413 -1.41 -8.09 4.89
CA ARG A 413 -0.78 -7.93 3.58
C ARG A 413 0.35 -8.93 3.27
N GLN A 414 0.14 -10.19 3.63
CA GLN A 414 1.11 -11.25 3.37
C GLN A 414 0.46 -12.40 2.61
N CYS A 415 1.14 -12.90 1.57
CA CYS A 415 0.60 -14.02 0.80
C CYS A 415 1.07 -15.32 1.43
N VAL A 416 0.45 -15.65 2.55
CA VAL A 416 0.80 -16.87 3.29
C VAL A 416 0.11 -18.12 2.76
N ASP A 417 0.44 -19.24 3.38
CA ASP A 417 -0.11 -20.54 3.00
C ASP A 417 -1.44 -20.78 3.72
N VAL A 418 -2.48 -21.05 2.95
CA VAL A 418 -3.82 -21.29 3.49
C VAL A 418 -3.81 -22.14 4.76
N ASN A 419 -3.09 -23.25 4.74
CA ASN A 419 -3.02 -24.14 5.89
C ASN A 419 -2.49 -23.43 7.13
N THR A 420 -1.60 -22.45 6.92
CA THR A 420 -1.01 -21.70 8.02
C THR A 420 -1.76 -20.41 8.33
N ALA A 421 -2.55 -19.93 7.37
CA ALA A 421 -3.31 -18.70 7.57
C ALA A 421 -4.54 -18.98 8.44
N TYR A 422 -4.94 -20.24 8.51
CA TYR A 422 -6.09 -20.64 9.29
C TYR A 422 -5.79 -21.78 10.25
N ASP B 2 -4.54 13.90 -10.82
CA ASP B 2 -3.71 15.02 -11.37
C ASP B 2 -2.95 15.78 -10.27
N CYS B 3 -1.98 16.57 -10.70
CA CYS B 3 -1.14 17.35 -9.78
C CYS B 3 -0.77 18.72 -10.34
N PRO B 4 -1.42 19.78 -9.86
CA PRO B 4 -1.01 21.07 -10.41
C PRO B 4 -0.05 21.84 -9.48
N PRO B 5 0.91 21.13 -8.81
CA PRO B 5 1.82 21.87 -7.94
C PRO B 5 2.90 22.63 -8.70
N ASP B 6 3.41 22.02 -9.78
CA ASP B 6 4.43 22.63 -10.62
C ASP B 6 5.12 21.55 -11.45
N SER B 7 4.39 20.51 -11.82
CA SER B 7 4.98 19.43 -12.60
C SER B 7 4.06 18.87 -13.68
N SER B 8 4.55 17.86 -14.39
CA SER B 8 3.80 17.21 -15.46
C SER B 8 3.33 15.83 -15.00
N LEU B 9 2.17 15.41 -15.51
CA LEU B 9 1.62 14.13 -15.12
C LEU B 9 1.77 13.01 -16.15
N TYR B 10 2.22 11.86 -15.68
CA TYR B 10 2.37 10.68 -16.51
C TYR B 10 2.03 9.42 -15.71
N ARG B 11 0.92 8.79 -16.05
CA ARG B 11 0.47 7.56 -15.42
C ARG B 11 0.63 7.39 -13.90
N TYR B 12 -0.12 8.17 -13.13
CA TYR B 12 -0.09 8.07 -11.65
C TYR B 12 1.06 8.80 -10.92
N PHE B 13 2.06 9.27 -11.65
CA PHE B 13 3.18 9.97 -11.02
C PHE B 13 3.36 11.38 -11.59
N CYS B 14 4.02 12.25 -10.83
CA CYS B 14 4.24 13.63 -11.25
C CYS B 14 5.72 13.98 -11.32
N TYR B 15 6.10 14.61 -12.42
CA TYR B 15 7.49 14.96 -12.66
C TYR B 15 7.79 16.44 -12.58
N ARG B 16 8.51 16.81 -11.52
CA ARG B 16 8.90 18.19 -11.27
C ARG B 16 10.36 18.35 -11.70
N VAL B 17 10.69 19.52 -12.23
CA VAL B 17 12.06 19.78 -12.68
C VAL B 17 12.65 20.96 -11.93
N PHE B 18 13.71 20.70 -11.16
CA PHE B 18 14.38 21.75 -10.40
C PHE B 18 15.64 22.24 -11.10
N LYS B 19 15.94 23.53 -10.90
CA LYS B 19 17.11 24.13 -11.52
C LYS B 19 18.23 24.34 -10.49
N GLU B 20 18.14 23.61 -9.38
CA GLU B 20 19.16 23.73 -8.34
C GLU B 20 20.24 22.67 -8.58
N HIS B 21 21.50 23.11 -8.68
CA HIS B 21 22.60 22.19 -8.89
C HIS B 21 22.95 21.45 -7.61
N LYS B 22 22.78 20.13 -7.63
CA LYS B 22 23.08 19.31 -6.46
C LYS B 22 23.85 18.05 -6.89
N THR B 23 24.42 17.36 -5.91
CA THR B 23 25.14 16.13 -6.20
C THR B 23 24.06 15.05 -6.25
N TRP B 24 24.36 13.91 -6.86
CA TRP B 24 23.39 12.83 -6.94
C TRP B 24 22.82 12.54 -5.55
N GLU B 25 23.70 12.31 -4.60
CA GLU B 25 23.30 12.04 -3.21
C GLU B 25 22.32 13.10 -2.70
N ALA B 26 22.69 14.36 -2.89
CA ALA B 26 21.85 15.48 -2.45
C ALA B 26 20.49 15.51 -3.15
N ALA B 27 20.50 15.40 -4.47
CA ALA B 27 19.25 15.43 -5.24
C ALA B 27 18.25 14.40 -4.70
N GLU B 28 18.63 13.13 -4.71
CA GLU B 28 17.77 12.07 -4.20
C GLU B 28 17.24 12.45 -2.82
N ARG B 29 18.17 12.85 -1.95
CA ARG B 29 17.84 13.24 -0.59
C ARG B 29 16.80 14.37 -0.60
N PHE B 30 16.92 15.27 -1.58
CA PHE B 30 16.01 16.41 -1.71
C PHE B 30 14.68 16.02 -2.34
N CYS B 31 14.69 14.97 -3.16
CA CYS B 31 13.48 14.51 -3.82
C CYS B 31 12.50 13.90 -2.84
N MET B 32 13.01 13.38 -1.74
CA MET B 32 12.16 12.74 -0.74
C MET B 32 12.09 13.49 0.59
N GLU B 33 11.57 14.71 0.56
CA GLU B 33 11.43 15.54 1.76
C GLU B 33 10.08 16.24 1.78
N HIS B 34 9.99 17.44 1.22
CA HIS B 34 8.71 18.15 1.17
C HIS B 34 7.87 17.46 0.10
N PRO B 35 8.48 17.17 -1.07
CA PRO B 35 7.71 16.50 -2.13
C PRO B 35 7.70 15.01 -1.77
N ASN B 36 7.32 14.75 -0.52
CA ASN B 36 7.25 13.41 0.07
C ASN B 36 7.30 12.22 -0.87
N ASN B 37 7.81 11.11 -0.34
CA ASN B 37 7.95 9.85 -1.09
C ASN B 37 8.80 10.04 -2.34
N GLY B 38 8.90 11.26 -2.81
CA GLY B 38 9.68 11.55 -4.01
C GLY B 38 10.98 10.79 -4.12
N HIS B 39 11.48 10.72 -5.35
CA HIS B 39 12.73 10.04 -5.67
C HIS B 39 13.19 10.64 -6.98
N LEU B 40 14.40 10.29 -7.40
CA LEU B 40 14.92 10.79 -8.68
C LEU B 40 14.25 9.98 -9.78
N VAL B 41 13.88 10.64 -10.86
CA VAL B 41 13.22 9.98 -11.97
C VAL B 41 13.72 8.60 -12.32
N SER B 42 12.81 7.65 -12.33
CA SER B 42 13.15 6.30 -12.73
C SER B 42 12.53 6.27 -14.12
N ILE B 43 13.09 5.48 -15.01
CA ILE B 43 12.59 5.36 -16.36
C ILE B 43 12.44 3.87 -16.60
N GLU B 44 11.21 3.38 -16.49
CA GLU B 44 10.93 1.96 -16.62
C GLU B 44 10.40 1.47 -17.97
N SER B 45 10.17 2.39 -18.90
CA SER B 45 9.64 2.02 -20.21
C SER B 45 10.03 3.05 -21.27
N MET B 46 10.00 2.64 -22.53
CA MET B 46 10.33 3.57 -23.61
C MET B 46 9.36 4.74 -23.61
N GLU B 47 8.11 4.45 -23.26
CA GLU B 47 7.07 5.48 -23.23
C GLU B 47 7.42 6.56 -22.21
N GLU B 48 7.74 6.13 -20.99
CA GLU B 48 8.10 7.07 -19.93
C GLU B 48 9.37 7.82 -20.35
N ALA B 49 10.27 7.11 -21.02
CA ALA B 49 11.52 7.71 -21.50
C ALA B 49 11.19 8.92 -22.37
N GLU B 50 10.28 8.72 -23.32
CA GLU B 50 9.85 9.78 -24.22
C GLU B 50 9.26 10.92 -23.40
N PHE B 51 8.41 10.56 -22.45
CA PHE B 51 7.77 11.56 -21.62
C PHE B 51 8.77 12.49 -20.95
N VAL B 52 9.69 11.94 -20.17
CA VAL B 52 10.68 12.76 -19.46
C VAL B 52 11.47 13.65 -20.40
N ALA B 53 11.76 13.15 -21.59
CA ALA B 53 12.52 13.93 -22.58
C ALA B 53 11.71 15.15 -23.00
N LYS B 54 10.47 14.91 -23.44
CA LYS B 54 9.59 15.99 -23.85
C LYS B 54 9.54 17.03 -22.74
N LEU B 55 9.50 16.56 -21.50
CA LEU B 55 9.46 17.44 -20.34
C LEU B 55 10.69 18.33 -20.27
N LEU B 56 11.86 17.72 -20.39
CA LEU B 56 13.13 18.44 -20.34
C LEU B 56 13.29 19.36 -21.53
N SER B 57 12.78 18.93 -22.68
CA SER B 57 12.87 19.73 -23.90
C SER B 57 11.98 20.95 -23.70
N ASN B 58 10.78 20.69 -23.19
CA ASN B 58 9.78 21.73 -22.94
C ASN B 58 10.34 22.80 -21.99
N THR B 59 11.49 22.51 -21.38
CA THR B 59 12.13 23.43 -20.44
C THR B 59 12.71 24.67 -21.14
N THR B 60 12.77 25.76 -20.39
CA THR B 60 13.29 27.03 -20.92
C THR B 60 14.78 27.17 -20.61
N THR B 65 21.48 22.06 -19.45
CA THR B 65 22.60 21.34 -18.85
C THR B 65 22.28 19.85 -18.82
N HIS B 66 22.86 19.15 -17.84
CA HIS B 66 22.64 17.72 -17.68
C HIS B 66 21.69 17.50 -16.50
N PHE B 67 20.92 16.43 -16.54
CA PHE B 67 19.99 16.14 -15.45
C PHE B 67 20.25 14.78 -14.81
N TRP B 68 20.01 14.70 -13.51
CA TRP B 68 20.22 13.47 -12.74
C TRP B 68 19.12 12.44 -12.92
N ILE B 69 19.51 11.26 -13.38
CA ILE B 69 18.58 10.17 -13.54
C ILE B 69 18.68 9.52 -12.15
N GLY B 70 17.68 8.73 -11.74
CA GLY B 70 17.76 8.12 -10.42
C GLY B 70 18.38 6.74 -10.36
N LEU B 71 19.03 6.35 -11.46
CA LEU B 71 19.66 5.03 -11.55
C LEU B 71 20.93 4.96 -10.70
N MET B 72 21.08 3.86 -9.96
CA MET B 72 22.25 3.67 -9.11
C MET B 72 22.84 2.26 -9.20
N ILE B 73 24.11 2.11 -8.81
CA ILE B 73 24.80 0.82 -8.88
C ILE B 73 24.88 0.08 -7.54
N LYS B 74 24.79 -1.24 -7.61
CA LYS B 74 24.84 -2.09 -6.43
C LYS B 74 26.15 -2.89 -6.38
N ASP B 75 26.22 -3.87 -5.49
CA ASP B 75 27.41 -4.71 -5.28
C ASP B 75 28.63 -3.85 -4.92
N LYS B 76 29.24 -4.15 -3.78
CA LYS B 76 30.37 -3.40 -3.29
C LYS B 76 31.67 -3.54 -4.08
N GLU B 77 31.56 -3.90 -5.35
CA GLU B 77 32.74 -4.03 -6.19
C GLU B 77 32.86 -2.83 -7.13
N GLN B 78 33.99 -2.14 -7.04
CA GLN B 78 34.24 -0.97 -7.88
C GLN B 78 34.11 -1.37 -9.35
N GLU B 79 34.83 -2.42 -9.74
CA GLU B 79 34.83 -2.92 -11.11
C GLU B 79 33.57 -3.70 -11.43
N CYS B 80 32.73 -3.89 -10.41
CA CYS B 80 31.48 -4.65 -10.56
C CYS B 80 31.82 -6.09 -10.89
N SER B 81 31.59 -6.47 -12.15
CA SER B 81 31.85 -7.84 -12.58
C SER B 81 32.87 -7.90 -13.70
N SER B 82 33.48 -6.75 -14.02
CA SER B 82 34.49 -6.68 -15.08
C SER B 82 35.83 -7.23 -14.61
N GLU B 83 36.62 -7.69 -15.58
CA GLU B 83 37.95 -8.23 -15.31
C GLU B 83 38.91 -7.76 -16.41
N TRP B 84 40.20 -7.96 -16.20
CA TRP B 84 41.18 -7.55 -17.19
C TRP B 84 40.90 -8.20 -18.53
N SER B 85 41.22 -7.48 -19.61
CA SER B 85 40.98 -7.96 -20.96
C SER B 85 41.61 -9.32 -21.25
N ASP B 86 42.63 -9.70 -20.47
CA ASP B 86 43.29 -10.98 -20.70
C ASP B 86 42.52 -12.15 -20.08
N GLY B 87 41.70 -11.86 -19.08
CA GLY B 87 40.92 -12.91 -18.44
C GLY B 87 41.14 -12.99 -16.94
N SER B 88 42.30 -12.55 -16.48
CA SER B 88 42.60 -12.61 -15.06
C SER B 88 41.65 -11.73 -14.26
N SER B 89 41.34 -12.16 -13.04
CA SER B 89 40.43 -11.41 -12.18
C SER B 89 41.16 -10.13 -11.76
N VAL B 90 40.44 -9.23 -11.10
CA VAL B 90 41.05 -7.98 -10.66
C VAL B 90 41.61 -8.08 -9.26
N SER B 91 42.85 -8.55 -9.18
CA SER B 91 43.56 -8.71 -7.92
C SER B 91 43.88 -7.33 -7.35
N TYR B 92 44.87 -6.67 -7.95
CA TYR B 92 45.31 -5.36 -7.53
C TYR B 92 44.39 -4.29 -8.10
N ASP B 93 43.92 -3.39 -7.24
CA ASP B 93 43.04 -2.30 -7.67
C ASP B 93 43.49 -0.98 -7.09
N LYS B 94 43.95 -0.07 -7.93
CA LYS B 94 44.39 1.24 -7.43
C LYS B 94 43.72 2.41 -8.12
N LEU B 95 42.43 2.27 -8.41
CA LEU B 95 41.67 3.34 -9.03
C LEU B 95 41.13 4.23 -7.93
N GLY B 96 41.62 5.46 -7.86
CA GLY B 96 41.14 6.38 -6.83
C GLY B 96 39.63 6.47 -6.89
N LYS B 97 39.00 6.63 -5.73
CA LYS B 97 37.55 6.73 -5.66
C LYS B 97 37.01 7.84 -6.57
N GLN B 98 37.64 9.01 -6.49
CA GLN B 98 37.22 10.16 -7.29
C GLN B 98 37.29 9.93 -8.80
N GLU B 99 37.69 8.73 -9.20
CA GLU B 99 37.78 8.39 -10.61
C GLU B 99 36.57 7.58 -11.04
N PHE B 100 35.71 7.22 -10.08
CA PHE B 100 34.52 6.43 -10.38
C PHE B 100 33.48 7.30 -11.07
N ARG B 101 32.73 6.68 -11.98
CA ARG B 101 31.64 7.35 -12.70
C ARG B 101 30.45 6.41 -12.61
N LYS B 102 29.94 6.22 -11.40
CA LYS B 102 28.84 5.28 -11.18
C LYS B 102 27.39 5.82 -11.16
N CYS B 103 27.21 7.10 -11.46
CA CYS B 103 25.87 7.68 -11.53
C CYS B 103 25.50 7.95 -12.98
N PHE B 104 24.24 8.28 -13.25
CA PHE B 104 23.84 8.54 -14.63
C PHE B 104 23.01 9.81 -14.81
N VAL B 105 23.21 10.49 -15.94
CA VAL B 105 22.49 11.72 -16.25
C VAL B 105 21.93 11.71 -17.68
N LEU B 106 20.99 12.61 -17.93
CA LEU B 106 20.40 12.76 -19.26
C LEU B 106 20.94 14.09 -19.79
N GLU B 107 21.21 14.16 -21.09
CA GLU B 107 21.73 15.40 -21.64
C GLU B 107 21.12 15.81 -22.98
N LYS B 108 20.96 17.12 -23.15
CA LYS B 108 20.36 17.71 -24.34
C LYS B 108 20.94 17.20 -25.65
N GLU B 109 22.26 17.16 -25.74
CA GLU B 109 22.93 16.69 -26.94
C GLU B 109 22.31 15.38 -27.42
N SER B 110 22.07 14.46 -26.48
CA SER B 110 21.50 13.15 -26.81
C SER B 110 19.97 13.13 -26.90
N GLY B 111 19.35 14.30 -26.73
CA GLY B 111 17.91 14.37 -26.79
C GLY B 111 17.28 13.86 -25.50
N TYR B 112 18.06 13.85 -24.44
CA TYR B 112 17.58 13.40 -23.14
C TYR B 112 17.06 11.96 -23.18
N ARG B 113 17.68 11.12 -24.00
CA ARG B 113 17.25 9.73 -24.07
C ARG B 113 18.42 8.75 -24.04
N MET B 114 19.52 9.18 -23.42
CA MET B 114 20.71 8.35 -23.29
C MET B 114 21.23 8.48 -21.87
N TRP B 115 21.70 7.38 -21.31
CA TRP B 115 22.21 7.42 -19.95
C TRP B 115 23.73 7.43 -19.94
N PHE B 116 24.30 8.56 -19.50
CA PHE B 116 25.74 8.73 -19.44
C PHE B 116 26.27 8.60 -18.03
N ASN B 117 27.46 8.04 -17.89
CA ASN B 117 28.09 7.89 -16.58
C ASN B 117 28.73 9.23 -16.21
N ARG B 118 28.69 9.54 -14.92
CA ARG B 118 29.26 10.77 -14.40
C ARG B 118 29.62 10.55 -12.94
N ASN B 119 30.57 11.32 -12.44
CA ASN B 119 30.97 11.20 -11.05
C ASN B 119 29.79 11.60 -10.18
N CYS B 120 29.35 10.67 -9.34
CA CYS B 120 28.21 10.93 -8.46
C CYS B 120 28.42 12.19 -7.63
N GLU B 121 29.66 12.63 -7.51
CA GLU B 121 29.96 13.80 -6.71
C GLU B 121 29.76 15.11 -7.46
N GLU B 122 29.68 15.04 -8.78
CA GLU B 122 29.49 16.24 -9.58
C GLU B 122 28.11 16.82 -9.29
N ARG B 123 27.95 18.11 -9.55
CA ARG B 123 26.68 18.77 -9.28
C ARG B 123 25.93 19.13 -10.55
N TYR B 124 24.80 18.46 -10.76
CA TYR B 124 23.98 18.70 -11.94
C TYR B 124 22.53 18.99 -11.55
N LEU B 125 21.72 19.26 -12.55
CA LEU B 125 20.30 19.51 -12.35
C LEU B 125 19.64 18.15 -12.23
N PHE B 126 18.39 18.12 -11.78
CA PHE B 126 17.70 16.86 -11.63
C PHE B 126 16.20 17.00 -11.79
N VAL B 127 15.52 15.87 -11.77
CA VAL B 127 14.06 15.86 -11.90
C VAL B 127 13.48 14.79 -10.97
N CYS B 128 12.70 15.23 -10.00
CA CYS B 128 12.08 14.32 -9.04
C CYS B 128 10.79 13.75 -9.61
N LYS B 129 10.46 12.52 -9.20
CA LYS B 129 9.24 11.83 -9.64
C LYS B 129 8.40 11.68 -8.39
N VAL B 130 7.62 12.72 -8.08
CA VAL B 130 6.79 12.75 -6.88
C VAL B 130 5.35 12.26 -7.04
N PRO B 131 4.62 12.13 -5.92
CA PRO B 131 3.22 11.69 -5.93
C PRO B 131 2.33 12.87 -6.30
N PRO B 132 1.08 12.62 -6.68
CA PRO B 132 0.16 13.71 -7.04
C PRO B 132 -0.59 14.24 -5.82
N GLU B 133 -1.04 15.49 -5.90
CA GLU B 133 -1.80 16.07 -4.81
C GLU B 133 -3.08 15.26 -4.74
N CYS B 134 -3.72 15.20 -3.57
CA CYS B 134 -4.94 14.43 -3.43
C CYS B 134 -6.09 15.22 -2.79
N ASP C 2 62.07 -15.63 -20.32
CA ASP C 2 62.76 -15.11 -21.53
C ASP C 2 61.76 -14.69 -22.61
N CYS C 3 61.83 -13.43 -23.02
CA CYS C 3 60.92 -12.90 -24.03
C CYS C 3 61.62 -12.48 -25.31
N PRO C 4 60.89 -12.47 -26.44
CA PRO C 4 61.41 -12.09 -27.75
C PRO C 4 62.12 -10.74 -27.74
N SER C 5 62.60 -10.33 -28.90
CA SER C 5 63.30 -9.05 -29.02
C SER C 5 62.30 -7.92 -28.88
N GLY C 6 62.72 -6.84 -28.21
CA GLY C 6 61.84 -5.71 -28.01
C GLY C 6 61.04 -5.85 -26.73
N TRP C 7 60.65 -7.08 -26.43
CA TRP C 7 59.86 -7.36 -25.22
C TRP C 7 60.76 -7.57 -24.00
N LEU C 8 60.31 -7.04 -22.87
CA LEU C 8 61.05 -7.19 -21.62
C LEU C 8 60.31 -8.24 -20.79
N SER C 9 61.04 -8.95 -19.93
CA SER C 9 60.45 -9.98 -19.10
C SER C 9 60.36 -9.56 -17.64
N TYR C 10 59.32 -10.04 -16.98
CA TYR C 10 59.10 -9.77 -15.57
C TYR C 10 58.23 -10.89 -15.03
N GLU C 11 58.61 -11.41 -13.87
CA GLU C 11 57.89 -12.51 -13.25
C GLU C 11 57.77 -13.66 -14.25
N GLN C 12 56.68 -13.69 -15.01
CA GLN C 12 56.47 -14.76 -15.97
C GLN C 12 55.84 -14.28 -17.27
N HIS C 13 55.81 -12.95 -17.49
CA HIS C 13 55.20 -12.42 -18.70
C HIS C 13 56.11 -11.54 -19.55
N CYS C 14 55.59 -11.15 -20.72
CA CYS C 14 56.32 -10.31 -21.67
C CYS C 14 55.63 -8.96 -21.86
N TYR C 15 56.42 -7.89 -21.78
CA TYR C 15 55.88 -6.54 -21.93
C TYR C 15 56.49 -5.85 -23.16
N LYS C 16 55.78 -4.86 -23.69
CA LYS C 16 56.26 -4.15 -24.87
C LYS C 16 55.50 -2.84 -25.07
N GLY C 17 56.18 -1.72 -24.90
CA GLY C 17 55.53 -0.43 -25.08
C GLY C 17 55.48 0.04 -26.52
N PHE C 18 54.48 0.87 -26.83
CA PHE C 18 54.31 1.42 -28.18
C PHE C 18 53.90 2.88 -28.08
N ASN C 19 54.21 3.67 -29.10
CA ASN C 19 53.85 5.08 -29.10
C ASN C 19 52.60 5.30 -29.95
N ASP C 20 52.23 4.30 -30.72
CA ASP C 20 51.06 4.36 -31.59
C ASP C 20 49.81 4.68 -30.77
N LEU C 21 49.51 5.97 -30.64
CA LEU C 21 48.34 6.42 -29.87
C LEU C 21 47.04 5.98 -30.54
N LYS C 22 46.13 5.38 -29.77
CA LYS C 22 44.84 4.93 -30.30
C LYS C 22 43.85 4.67 -29.16
N ASN C 23 42.55 4.65 -29.48
CA ASN C 23 41.56 4.44 -28.44
C ASN C 23 41.66 3.04 -27.83
N TRP C 24 41.07 2.88 -26.65
CA TRP C 24 41.12 1.62 -25.92
C TRP C 24 40.89 0.36 -26.74
N THR C 25 39.81 0.33 -27.53
CA THR C 25 39.51 -0.86 -28.33
C THR C 25 40.61 -1.14 -29.34
N ASP C 26 40.99 -0.13 -30.11
CA ASP C 26 42.03 -0.29 -31.10
C ASP C 26 43.31 -0.74 -30.41
N ALA C 27 43.56 -0.20 -29.23
CA ALA C 27 44.75 -0.55 -28.45
C ALA C 27 44.73 -2.02 -28.03
N GLU C 28 43.52 -2.55 -27.80
CA GLU C 28 43.35 -3.95 -27.40
C GLU C 28 43.53 -4.85 -28.63
N LYS C 29 42.64 -4.71 -29.61
CA LYS C 29 42.73 -5.51 -30.82
C LYS C 29 44.16 -5.48 -31.34
N PHE C 30 44.83 -4.35 -31.12
CA PHE C 30 46.21 -4.17 -31.53
C PHE C 30 47.10 -5.19 -30.83
N CYS C 31 47.17 -5.08 -29.50
CA CYS C 31 47.98 -5.99 -28.71
C CYS C 31 47.82 -7.45 -29.08
N THR C 32 46.61 -7.86 -29.45
CA THR C 32 46.39 -9.25 -29.82
C THR C 32 47.06 -9.58 -31.15
N GLU C 33 46.93 -8.71 -32.12
CA GLU C 33 47.54 -8.92 -33.43
C GLU C 33 49.06 -8.95 -33.29
N GLN C 34 49.57 -8.33 -32.23
CA GLN C 34 51.00 -8.28 -31.99
C GLN C 34 51.58 -9.64 -31.66
N LYS C 35 50.89 -10.41 -30.83
CA LYS C 35 51.38 -11.72 -30.46
C LYS C 35 50.30 -12.58 -29.80
N LYS C 36 50.23 -13.84 -30.21
CA LYS C 36 49.25 -14.77 -29.68
C LYS C 36 49.18 -14.75 -28.16
N GLY C 37 48.05 -14.29 -27.62
CA GLY C 37 47.89 -14.24 -26.19
C GLY C 37 48.20 -12.89 -25.57
N SER C 38 48.43 -11.89 -26.43
CA SER C 38 48.73 -10.56 -25.94
C SER C 38 47.51 -9.71 -25.76
N HIS C 39 47.51 -8.91 -24.69
CA HIS C 39 46.40 -8.02 -24.35
C HIS C 39 47.01 -6.80 -23.67
N LEU C 40 46.19 -5.79 -23.43
CA LEU C 40 46.70 -4.60 -22.76
C LEU C 40 47.23 -5.09 -21.41
N VAL C 41 48.30 -4.46 -20.94
CA VAL C 41 48.92 -4.84 -19.69
C VAL C 41 47.94 -5.00 -18.51
N SER C 42 48.20 -5.99 -17.66
CA SER C 42 47.38 -6.24 -16.48
C SER C 42 48.26 -5.98 -15.28
N LEU C 43 47.68 -5.52 -14.18
CA LEU C 43 48.50 -5.23 -13.00
C LEU C 43 47.90 -5.87 -11.75
N HIS C 44 48.58 -6.88 -11.21
CA HIS C 44 48.11 -7.58 -10.03
C HIS C 44 48.91 -7.26 -8.78
N SER C 45 49.73 -6.22 -8.84
CA SER C 45 50.55 -5.81 -7.70
C SER C 45 51.39 -4.58 -8.00
N ARG C 46 51.55 -3.71 -7.00
CA ARG C 46 52.33 -2.49 -7.17
C ARG C 46 53.68 -2.83 -7.78
N GLU C 47 54.19 -4.01 -7.45
CA GLU C 47 55.47 -4.46 -7.96
C GLU C 47 55.46 -4.47 -9.47
N GLU C 48 54.54 -5.24 -10.04
CA GLU C 48 54.43 -5.33 -11.49
C GLU C 48 54.18 -3.94 -12.06
N GLU C 49 53.34 -3.18 -11.34
CA GLU C 49 53.00 -1.85 -11.77
C GLU C 49 54.26 -0.99 -11.95
N LYS C 50 55.00 -0.79 -10.87
CA LYS C 50 56.21 0.01 -10.93
C LYS C 50 57.15 -0.46 -12.04
N PHE C 51 57.03 -1.72 -12.44
CA PHE C 51 57.87 -2.24 -13.50
C PHE C 51 57.41 -1.66 -14.83
N VAL C 52 56.10 -1.72 -15.06
CA VAL C 52 55.51 -1.20 -16.29
C VAL C 52 55.71 0.31 -16.35
N VAL C 53 55.75 0.93 -15.18
CA VAL C 53 55.96 2.37 -15.08
C VAL C 53 57.29 2.73 -15.72
N ASN C 54 58.36 2.12 -15.21
CA ASN C 54 59.69 2.39 -15.74
C ASN C 54 59.81 2.01 -17.21
N LEU C 55 59.17 0.92 -17.62
CA LEU C 55 59.22 0.49 -19.01
C LEU C 55 58.76 1.64 -19.89
N ILE C 56 57.72 2.33 -19.43
CA ILE C 56 57.17 3.46 -20.15
C ILE C 56 58.19 4.59 -20.18
N SER C 57 58.54 5.06 -18.98
CA SER C 57 59.51 6.14 -18.80
C SER C 57 60.75 6.00 -19.67
N GLU C 58 61.18 4.78 -19.91
CA GLU C 58 62.37 4.52 -20.70
C GLU C 58 62.11 4.42 -22.20
N ASN C 59 61.06 3.71 -22.57
CA ASN C 59 60.74 3.52 -23.99
C ASN C 59 59.76 4.51 -24.58
N LEU C 60 58.64 4.73 -23.89
CA LEU C 60 57.58 5.61 -24.38
C LEU C 60 57.72 7.10 -24.08
N GLU C 61 57.22 7.93 -25.00
CA GLU C 61 57.26 9.38 -24.87
C GLU C 61 56.20 9.91 -23.91
N TYR C 62 54.95 9.53 -24.16
CA TYR C 62 53.82 9.96 -23.34
C TYR C 62 53.93 9.29 -21.97
N PRO C 63 53.57 10.01 -20.90
CA PRO C 63 53.63 9.48 -19.53
C PRO C 63 52.32 8.85 -19.07
N ALA C 64 51.86 7.85 -19.81
CA ALA C 64 50.61 7.15 -19.48
C ALA C 64 50.31 6.11 -20.54
N THR C 65 49.39 5.19 -20.23
CA THR C 65 48.98 4.15 -21.16
C THR C 65 47.66 3.53 -20.72
N TRP C 66 46.95 2.93 -21.66
CA TRP C 66 45.70 2.24 -21.33
C TRP C 66 46.16 0.95 -20.66
N ILE C 67 45.46 0.50 -19.61
CA ILE C 67 45.90 -0.72 -18.96
C ILE C 67 45.17 -2.00 -19.36
N GLY C 68 43.86 -2.09 -19.13
CA GLY C 68 43.17 -3.32 -19.51
C GLY C 68 41.74 -3.45 -19.05
N LEU C 69 41.15 -2.35 -18.60
CA LEU C 69 39.77 -2.35 -18.15
C LEU C 69 38.99 -1.33 -18.96
N GLY C 70 37.93 -1.79 -19.62
CA GLY C 70 37.11 -0.91 -20.43
C GLY C 70 35.63 -1.11 -20.19
N ASN C 71 34.83 -0.09 -20.50
CA ASN C 71 33.39 -0.18 -20.29
C ASN C 71 33.25 -0.57 -18.83
N MET C 72 33.73 0.31 -17.96
CA MET C 72 33.73 0.09 -16.53
C MET C 72 32.42 -0.03 -15.78
N TRP C 73 31.45 0.82 -16.08
CA TRP C 73 30.20 0.76 -15.35
C TRP C 73 28.99 0.72 -16.27
N LYS C 74 28.97 -0.28 -17.14
CA LYS C 74 27.89 -0.46 -18.12
C LYS C 74 27.15 -1.77 -17.90
N ASP C 75 27.85 -2.79 -17.39
CA ASP C 75 27.24 -4.10 -17.16
C ASP C 75 27.17 -4.48 -15.68
N CYS C 76 26.86 -3.51 -14.83
CA CYS C 76 26.77 -3.76 -13.39
C CYS C 76 25.34 -4.08 -12.95
N ARG C 77 25.17 -4.47 -11.69
CA ARG C 77 23.84 -4.76 -11.17
C ARG C 77 23.29 -3.41 -10.72
N MET C 78 22.16 -3.02 -11.29
CA MET C 78 21.59 -1.73 -10.95
C MET C 78 20.19 -1.83 -10.36
N GLU C 79 19.61 -0.67 -10.05
CA GLU C 79 18.27 -0.58 -9.48
C GLU C 79 18.00 0.92 -9.32
N TRP C 80 16.75 1.33 -9.37
CA TRP C 80 16.44 2.75 -9.22
C TRP C 80 16.36 3.09 -7.74
N SER C 81 16.58 4.36 -7.41
CA SER C 81 16.54 4.78 -6.01
C SER C 81 15.16 4.58 -5.38
N ASP C 82 14.13 4.45 -6.22
CA ASP C 82 12.77 4.23 -5.73
C ASP C 82 12.51 2.73 -5.59
N ARG C 83 13.58 1.97 -5.42
CA ARG C 83 13.50 0.52 -5.25
C ARG C 83 12.88 -0.25 -6.41
N GLY C 84 12.55 0.46 -7.49
CA GLY C 84 11.98 -0.20 -8.65
C GLY C 84 13.02 -1.03 -9.35
N ASN C 85 12.59 -2.02 -10.13
CA ASN C 85 13.52 -2.89 -10.85
C ASN C 85 13.94 -2.24 -12.15
N VAL C 86 15.11 -2.62 -12.66
CA VAL C 86 15.61 -2.06 -13.91
C VAL C 86 15.49 -3.04 -15.07
N LYS C 87 14.38 -2.96 -15.81
CA LYS C 87 14.15 -3.81 -16.96
C LYS C 87 14.64 -3.03 -18.17
N TYR C 88 14.13 -1.82 -18.30
CA TYR C 88 14.47 -0.93 -19.41
C TYR C 88 15.81 -0.22 -19.20
N LYS C 89 16.66 -0.28 -20.23
CA LYS C 89 17.97 0.36 -20.21
C LYS C 89 18.15 1.24 -21.44
N ALA C 90 18.92 2.31 -21.29
CA ALA C 90 19.17 3.24 -22.39
C ALA C 90 20.55 3.88 -22.18
N LEU C 91 21.54 3.02 -21.94
CA LEU C 91 22.92 3.47 -21.71
C LEU C 91 23.57 4.01 -22.98
N ALA C 92 24.06 5.25 -22.90
CA ALA C 92 24.71 5.89 -24.03
C ALA C 92 25.86 5.00 -24.53
N GLU C 93 26.24 5.16 -25.80
CA GLU C 93 27.31 4.35 -26.37
C GLU C 93 28.66 4.72 -25.77
N GLU C 94 28.77 5.96 -25.31
CA GLU C 94 29.99 6.42 -24.69
C GLU C 94 30.28 5.51 -23.49
N SER C 95 31.54 5.41 -23.09
CA SER C 95 31.90 4.57 -21.96
C SER C 95 33.32 4.86 -21.45
N TYR C 96 33.57 4.55 -20.18
CA TYR C 96 34.86 4.79 -19.57
C TYR C 96 35.82 3.62 -19.54
N CYS C 97 37.10 3.95 -19.66
CA CYS C 97 38.18 2.97 -19.65
C CYS C 97 39.25 3.48 -18.67
N LEU C 98 40.15 2.59 -18.26
CA LEU C 98 41.19 2.97 -17.31
C LEU C 98 42.54 3.26 -17.97
N ILE C 99 43.23 4.26 -17.44
CA ILE C 99 44.54 4.65 -17.94
C ILE C 99 45.44 4.82 -16.74
N MET C 100 46.74 4.57 -16.92
CA MET C 100 47.67 4.75 -15.81
C MET C 100 48.67 5.83 -16.16
N ILE C 101 48.81 6.80 -15.25
CA ILE C 101 49.74 7.89 -15.45
C ILE C 101 51.09 7.53 -14.82
N THR C 102 52.15 7.75 -15.59
CA THR C 102 53.50 7.45 -15.12
C THR C 102 53.83 8.15 -13.80
N HIS C 103 54.11 9.45 -13.88
CA HIS C 103 54.46 10.25 -12.71
C HIS C 103 53.77 9.83 -11.40
N GLU C 104 52.56 10.32 -11.17
CA GLU C 104 51.82 10.01 -9.95
C GLU C 104 51.54 8.51 -9.80
N LYS C 105 51.84 7.76 -10.86
CA LYS C 105 51.63 6.32 -10.89
C LYS C 105 50.33 5.83 -10.26
N VAL C 106 49.22 6.42 -10.68
CA VAL C 106 47.89 6.03 -10.20
C VAL C 106 46.98 5.75 -11.39
N TRP C 107 45.72 5.43 -11.12
CA TRP C 107 44.78 5.12 -12.19
C TRP C 107 43.71 6.20 -12.36
N LYS C 108 43.39 6.51 -13.61
CA LYS C 108 42.38 7.51 -13.90
C LYS C 108 41.36 6.91 -14.87
N SER C 109 40.14 7.44 -14.85
CA SER C 109 39.11 6.96 -15.76
C SER C 109 39.05 7.97 -16.89
N MET C 110 38.89 7.47 -18.10
CA MET C 110 38.84 8.33 -19.28
C MET C 110 37.95 7.68 -20.32
N THR C 111 37.18 8.48 -21.04
CA THR C 111 36.31 7.96 -22.08
C THR C 111 37.17 7.16 -23.05
N CYS C 112 36.73 5.93 -23.35
CA CYS C 112 37.47 5.04 -24.25
C CYS C 112 37.68 5.65 -25.64
N ASN C 113 37.11 6.83 -25.85
CA ASN C 113 37.25 7.54 -27.11
C ASN C 113 38.67 8.06 -27.20
N PHE C 114 39.17 8.51 -26.06
CA PHE C 114 40.51 9.06 -25.92
C PHE C 114 41.57 8.25 -26.66
N ILE C 115 42.63 8.95 -27.08
CA ILE C 115 43.75 8.35 -27.81
C ILE C 115 45.01 8.37 -26.95
N ALA C 116 45.48 7.19 -26.58
CA ALA C 116 46.66 7.07 -25.71
C ALA C 116 47.60 5.97 -26.17
N PRO C 117 48.84 5.95 -25.63
CA PRO C 117 49.83 4.93 -25.98
C PRO C 117 49.48 3.57 -25.39
N VAL C 118 49.85 2.51 -26.09
CA VAL C 118 49.56 1.16 -25.65
C VAL C 118 50.77 0.42 -25.08
N VAL C 119 50.52 -0.48 -24.13
CA VAL C 119 51.55 -1.29 -23.49
C VAL C 119 51.07 -2.73 -23.34
N CYS C 120 51.30 -3.52 -24.39
CA CYS C 120 50.90 -4.92 -24.42
C CYS C 120 51.55 -5.81 -23.37
N LYS C 121 51.09 -7.05 -23.31
CA LYS C 121 51.59 -8.03 -22.35
C LYS C 121 51.04 -9.41 -22.70
#